data_9FMS
#
_entry.id   9FMS
#
loop_
_entity.id
_entity.type
_entity.pdbx_description
1 polymer "5'-3' exoribonuclease 2"
2 polymer 'Regulator of Ty1 transposition protein 103'
3 polymer 'Decapping nuclease RAI1'
4 non-polymer 'MAGNESIUM ION'
#
loop_
_entity_poly.entity_id
_entity_poly.type
_entity_poly.pdbx_seq_one_letter_code
_entity_poly.pdbx_strand_id
1 'polypeptide(L)'
;MGVPSFFRWLSRKYPKIISPVLEEQPQIVDGVILPLDYSASNPNGELDNLYLDMNGIVHPCSHPENKPPPETEDEMLLAV
FEYTNRVLNMARPRKVLVMAVDGVAPRAKMNQQRARRFRSARDAQIENEAREEIMRQREEVGEIIDDAVRNKKTWDSNAI
TPGTPFMDKLAAALRYWTAFKLATDPGWKNLQVIISDATVPGEGEHKIMNFIRSQRADPEYNPNTTHCIYGLDADLIFLG
LATHEPHFKILREDVFAQDNRKRNNLKDTINMTEEEKQFLQKQNSEQPFLWLHINVLREYLSAELWVPGLPFTFDLERAI
DDWVFMCFFCGNDFLPHLPCLDVRENSIDILLDIWKVVLPKLKTYMTCDGVLNLPSVETLLQHLGSREGDIFKTRHIQEA
RKKEAFERRKAQKNMSKGQDRHPTVATEQLQMYDTQGNLAKGSWNLTTSDMVRLKKELMLANEGNEEAIAKVKQQSDKNN
ELMKDISKEEIDDAVSKANKTNFNLAEVMKQKIINKKHRLEKDNEEEEIAKDSKKVKTEKAESECDLDAEIKDEIVADVN
DRENSETTEVSRDSPVHSTVNVSEGPKNGVFDTDEFVKLFEPGYHERYYTAKFHVTPQDIEQLRKDMVKCYIEGVAWVLM
YYYQGCASWNWFYPYHYAPLATDFHGFSHLEIKFEEGTPFLPYEQLMSVLPAASGHALPKIFRSLMSEPDSEIIDFYPEE
FPIDMNGKKMSWQGIALLPFIDQDRLLTAVRAQYPLLSDAERARNIRGEPVLLISNKNANYERFSKKLYSKENNNNNVVV
KFQHFKSGLSGIVSKDVEGFELNGKIVCPIQGGSLPNLSTTLILKMSYRLIPLPSRNKSIILNGFIPSEPVLTAYDLDSI
MYKYNNQNYSRRWNFGNDLKQNIVPVGPKGITQYKPRTGGYRAFFYFAELSRNNVQPAHNYGRNSYNSQPGFNNSRYDGG
NNNYRQNSNYRNNNYSGNRNSGQYSGNSYSRNNKQSRYDNSRANRR
;
B
2 'polypeptide(L)' KNVDEDNIIPTYEVGDGDDDDD D
3 'polypeptide(L)'
;MGVSANLFVKQRGSTTALKQPKEIGFYSRTKDEEYLISDDTNLNYYYLPDAELDRKLDLSSGFQKFKDYYKDFEDRCSLR
GLLETIESSERHKGKKINADIITFRGIARKLISCAFDSPSFNTVDLRIVSFNGQLFIKEVPEAVNAAKASSATEAGRNIN
QDLNVFTGYKFETLATLSNPLQYTPREVIEKRTKRIVSHGDEYISVVRTGVGNCKLILGAEVDCIFDFKENGRDNLKHYA
ELKCTQQVANISDTHKFERKLFRTWLQCFLVGIPRIIYGFKDDHYVLKTVEEFSTEEVPVLLKNNNPQVGSACLEAIKWY
GLLTEWLLKMIPRDEDPHSQIRAFKLVFENNHLRLSEIEESDEEYSGLIDGEHILSNGFKEWRKSLK
;
A
#
# COMPACT_ATOMS: atom_id res chain seq x y z
N MET A 1 30.17 7.72 -24.86
CA MET A 1 29.79 8.52 -23.67
C MET A 1 30.07 7.74 -22.39
N GLY A 2 30.39 8.44 -21.30
CA GLY A 2 30.56 7.87 -19.97
C GLY A 2 29.24 7.62 -19.21
N VAL A 3 29.34 7.07 -18.00
CA VAL A 3 28.20 6.85 -17.09
C VAL A 3 27.55 8.21 -16.70
N PRO A 4 26.22 8.36 -16.70
CA PRO A 4 25.56 9.58 -16.21
C PRO A 4 25.98 9.92 -14.79
N SER A 5 26.16 11.19 -14.46
CA SER A 5 26.69 11.60 -13.15
C SER A 5 25.79 11.16 -11.99
N PHE A 6 24.47 11.05 -12.23
CA PHE A 6 23.54 10.50 -11.25
C PHE A 6 23.81 9.04 -10.90
N PHE A 7 24.19 8.21 -11.86
CA PHE A 7 24.55 6.82 -11.59
C PHE A 7 25.92 6.69 -10.97
N ARG A 8 26.88 7.55 -11.31
CA ARG A 8 28.13 7.63 -10.54
C ARG A 8 27.89 8.00 -9.09
N TRP A 9 26.90 8.83 -8.79
CA TRP A 9 26.52 9.15 -7.41
C TRP A 9 25.91 7.93 -6.70
N LEU A 10 24.99 7.19 -7.32
CA LEU A 10 24.47 5.96 -6.70
C LEU A 10 25.54 4.89 -6.49
N SER A 11 26.37 4.56 -7.46
CA SER A 11 27.37 3.51 -7.28
C SER A 11 28.44 3.90 -6.26
N ARG A 12 28.74 5.20 -6.11
CA ARG A 12 29.65 5.68 -5.07
C ARG A 12 29.00 5.65 -3.69
N LYS A 13 27.77 6.13 -3.57
CA LYS A 13 27.13 6.41 -2.27
C LYS A 13 26.38 5.21 -1.69
N TYR A 14 25.79 4.36 -2.53
CA TYR A 14 24.88 3.27 -2.14
C TYR A 14 25.13 1.98 -2.95
N PRO A 15 26.33 1.40 -2.94
CA PRO A 15 26.71 0.38 -3.91
C PRO A 15 25.85 -0.90 -3.86
N LYS A 16 25.32 -1.28 -2.70
CA LYS A 16 24.55 -2.52 -2.54
C LYS A 16 23.09 -2.45 -2.99
N ILE A 17 22.61 -1.30 -3.47
CA ILE A 17 21.27 -1.21 -4.09
C ILE A 17 21.20 -1.99 -5.40
N ILE A 18 22.32 -2.08 -6.12
CA ILE A 18 22.35 -2.45 -7.53
C ILE A 18 22.78 -3.92 -7.67
N SER A 19 22.12 -4.71 -8.52
CA SER A 19 22.58 -6.08 -8.82
C SER A 19 22.21 -6.52 -10.23
N PRO A 20 22.93 -7.46 -10.84
CA PRO A 20 22.72 -7.84 -12.23
C PRO A 20 21.42 -8.57 -12.43
N VAL A 21 20.84 -8.46 -13.62
CA VAL A 21 19.76 -9.35 -14.05
C VAL A 21 20.36 -10.67 -14.52
N LEU A 22 19.71 -11.79 -14.21
CA LEU A 22 20.10 -13.13 -14.64
C LEU A 22 19.16 -13.59 -15.74
N GLU A 23 19.70 -14.18 -16.79
CA GLU A 23 18.94 -14.68 -17.95
C GLU A 23 19.29 -16.14 -18.26
N GLU A 24 18.35 -16.91 -18.81
CA GLU A 24 18.52 -18.35 -18.97
C GLU A 24 19.13 -18.80 -20.31
N GLN A 25 19.04 -17.99 -21.37
CA GLN A 25 19.70 -18.20 -22.68
C GLN A 25 19.59 -19.65 -23.22
N PRO A 26 18.40 -20.10 -23.62
CA PRO A 26 18.02 -21.52 -23.69
C PRO A 26 18.56 -22.31 -24.89
N GLN A 27 19.06 -21.64 -25.94
CA GLN A 27 19.41 -22.25 -27.23
C GLN A 27 20.66 -23.16 -27.19
N VAL A 32 15.00 -24.24 -29.52
CA VAL A 32 13.69 -24.26 -28.85
C VAL A 32 13.11 -22.85 -28.66
N ILE A 33 11.81 -22.70 -28.92
CA ILE A 33 11.07 -21.47 -28.62
C ILE A 33 10.59 -21.55 -27.17
N LEU A 34 11.17 -20.73 -26.29
CA LEU A 34 11.02 -20.77 -24.84
C LEU A 34 9.56 -20.70 -24.38
N PRO A 35 8.97 -21.81 -23.89
CA PRO A 35 7.63 -21.78 -23.31
C PRO A 35 7.61 -21.14 -21.90
N LEU A 36 8.73 -21.14 -21.18
CA LEU A 36 8.73 -21.15 -19.72
C LEU A 36 8.60 -19.80 -19.02
N ASP A 37 7.57 -19.01 -19.30
CA ASP A 37 7.11 -17.98 -18.36
C ASP A 37 6.76 -18.65 -17.02
N TYR A 38 6.34 -19.91 -17.05
CA TYR A 38 5.90 -20.66 -15.86
C TYR A 38 7.00 -21.31 -15.01
N SER A 39 8.28 -21.25 -15.39
CA SER A 39 9.37 -21.73 -14.54
C SER A 39 9.81 -20.70 -13.49
N ALA A 40 10.48 -21.15 -12.43
CA ALA A 40 10.95 -20.28 -11.35
C ALA A 40 11.90 -19.19 -11.84
N SER A 41 11.68 -17.92 -11.46
CA SER A 41 12.49 -16.79 -11.92
C SER A 41 13.92 -16.92 -11.45
N ASN A 42 14.88 -16.96 -12.36
CA ASN A 42 16.27 -16.95 -11.95
C ASN A 42 16.64 -15.65 -11.17
N PRO A 43 16.36 -14.42 -11.67
CA PRO A 43 16.69 -13.21 -10.94
C PRO A 43 15.79 -13.17 -9.73
N ASN A 44 16.40 -13.22 -8.54
CA ASN A 44 15.79 -13.79 -7.35
C ASN A 44 14.32 -13.43 -7.15
N GLY A 45 13.55 -14.43 -6.76
CA GLY A 45 12.16 -14.31 -6.36
C GLY A 45 11.22 -13.97 -7.50
N GLU A 46 9.93 -14.17 -7.25
CA GLU A 46 8.88 -13.89 -8.21
C GLU A 46 8.38 -12.45 -8.10
N LEU A 47 7.84 -11.89 -9.17
CA LEU A 47 7.11 -10.63 -9.14
C LEU A 47 5.64 -10.94 -9.10
N ASP A 48 4.89 -10.31 -8.22
CA ASP A 48 3.45 -10.29 -8.43
C ASP A 48 3.10 -9.30 -9.53
N ASN A 49 3.60 -8.08 -9.46
CA ASN A 49 3.18 -6.98 -10.33
C ASN A 49 4.35 -6.41 -11.13
N LEU A 50 4.15 -6.06 -12.40
CA LEU A 50 5.08 -5.26 -13.19
C LEU A 50 4.36 -4.11 -13.89
N TYR A 51 4.97 -2.94 -13.87
CA TYR A 51 4.47 -1.74 -14.51
C TYR A 51 5.43 -1.32 -15.61
N LEU A 52 4.95 -1.18 -16.84
CA LEU A 52 5.75 -0.73 -17.96
C LEU A 52 5.44 0.74 -18.24
N ASP A 53 6.45 1.59 -18.13
CA ASP A 53 6.38 2.97 -18.61
C ASP A 53 6.71 2.99 -20.10
N MET A 54 5.69 2.99 -20.95
CA MET A 54 5.84 2.55 -22.34
C MET A 54 6.69 3.49 -23.19
N ASN A 55 6.68 4.80 -22.94
CA ASN A 55 7.53 5.72 -23.68
C ASN A 55 9.01 5.45 -23.42
N GLY A 56 9.35 4.77 -22.33
CA GLY A 56 10.70 4.30 -22.05
C GLY A 56 11.18 3.19 -22.97
N ILE A 57 10.31 2.61 -23.81
CA ILE A 57 10.70 1.60 -24.81
C ILE A 57 10.31 1.98 -26.23
N VAL A 58 9.30 2.81 -26.45
CA VAL A 58 9.02 3.37 -27.78
C VAL A 58 10.16 4.27 -28.28
N HIS A 59 10.83 5.04 -27.42
CA HIS A 59 11.95 5.89 -27.81
C HIS A 59 13.22 5.11 -28.15
N PRO A 60 13.73 4.19 -27.33
CA PRO A 60 14.85 3.34 -27.70
C PRO A 60 14.67 2.53 -28.98
N CYS A 61 13.45 2.08 -29.31
CA CYS A 61 13.20 1.30 -30.51
C CYS A 61 13.26 2.14 -31.80
N SER A 62 12.72 3.36 -31.79
CA SER A 62 12.57 4.21 -32.98
C SER A 62 13.75 5.14 -33.27
N HIS A 63 14.61 5.41 -32.27
CA HIS A 63 15.85 6.18 -32.41
C HIS A 63 17.01 5.50 -31.68
N PRO A 64 17.38 4.26 -32.07
CA PRO A 64 18.37 3.46 -31.36
C PRO A 64 19.80 4.02 -31.48
N GLU A 65 20.70 3.54 -30.62
CA GLU A 65 22.14 3.78 -30.75
C GLU A 65 22.78 2.96 -31.89
N ASN A 66 22.10 1.90 -32.35
CA ASN A 66 22.49 1.15 -33.54
C ASN A 66 22.39 2.02 -34.80
N LYS A 67 23.35 1.90 -35.71
CA LYS A 67 23.43 2.71 -36.94
C LYS A 67 22.14 2.70 -37.78
N PRO A 68 21.44 1.57 -38.01
CA PRO A 68 20.12 1.58 -38.63
C PRO A 68 18.99 1.84 -37.62
N PRO A 69 18.22 2.94 -37.74
CA PRO A 69 16.86 3.01 -37.20
C PRO A 69 15.91 2.16 -38.06
N PRO A 70 14.76 1.72 -37.52
CA PRO A 70 13.71 1.04 -38.29
C PRO A 70 13.13 1.95 -39.37
N GLU A 71 12.85 1.40 -40.55
CA GLU A 71 12.57 2.20 -41.75
C GLU A 71 11.09 2.48 -42.02
N THR A 72 10.18 1.88 -41.27
CA THR A 72 8.74 2.13 -41.37
C THR A 72 8.07 2.04 -39.99
N GLU A 73 6.92 2.67 -39.84
CA GLU A 73 6.16 2.60 -38.58
C GLU A 73 5.70 1.17 -38.25
N ASP A 74 5.50 0.33 -39.26
CA ASP A 74 5.24 -1.10 -39.07
C ASP A 74 6.45 -1.82 -38.45
N GLU A 75 7.67 -1.56 -38.93
CA GLU A 75 8.89 -2.14 -38.36
C GLU A 75 9.21 -1.60 -36.96
N MET A 76 8.84 -0.35 -36.65
CA MET A 76 8.94 0.19 -35.29
C MET A 76 8.06 -0.58 -34.30
N LEU A 77 6.81 -0.85 -34.64
CA LEU A 77 5.94 -1.63 -33.78
C LEU A 77 6.47 -3.05 -33.60
N LEU A 78 6.97 -3.66 -34.66
CA LEU A 78 7.58 -4.97 -34.59
C LEU A 78 8.79 -5.01 -33.64
N ALA A 79 9.61 -3.97 -33.62
CA ALA A 79 10.72 -3.84 -32.67
C ALA A 79 10.26 -3.65 -31.22
N VAL A 80 9.19 -2.89 -30.99
CA VAL A 80 8.59 -2.73 -29.66
C VAL A 80 8.08 -4.05 -29.10
N PHE A 81 7.46 -4.90 -29.92
CA PHE A 81 7.07 -6.25 -29.49
C PHE A 81 8.28 -7.08 -29.09
N GLU A 82 9.35 -7.07 -29.87
CA GLU A 82 10.55 -7.82 -29.52
C GLU A 82 11.13 -7.35 -28.18
N TYR A 83 11.15 -6.05 -27.92
CA TYR A 83 11.72 -5.53 -26.70
C TYR A 83 10.86 -5.81 -25.48
N THR A 84 9.55 -5.56 -25.54
CA THR A 84 8.65 -5.89 -24.42
C THR A 84 8.66 -7.36 -24.12
N ASN A 85 8.70 -8.22 -25.12
CA ASN A 85 8.83 -9.66 -24.90
C ASN A 85 10.11 -10.00 -24.13
N ARG A 86 11.27 -9.40 -24.44
CA ARG A 86 12.48 -9.58 -23.63
C ARG A 86 12.32 -9.06 -22.22
N VAL A 87 11.65 -7.93 -22.00
CA VAL A 87 11.43 -7.39 -20.65
C VAL A 87 10.62 -8.35 -19.80
N LEU A 88 9.54 -8.93 -20.31
CA LEU A 88 8.77 -9.88 -19.51
C LEU A 88 9.49 -11.18 -19.22
N ASN A 89 10.38 -11.66 -20.08
CA ASN A 89 11.16 -12.85 -19.76
C ASN A 89 12.14 -12.62 -18.61
N MET A 90 12.59 -11.41 -18.35
CA MET A 90 13.39 -11.09 -17.17
C MET A 90 12.54 -10.88 -15.93
N ALA A 91 11.44 -10.14 -16.05
CA ALA A 91 10.63 -9.72 -14.92
C ALA A 91 9.52 -10.69 -14.50
N ARG A 92 8.93 -11.49 -15.39
CA ARG A 92 7.91 -12.51 -15.12
C ARG A 92 6.90 -12.15 -14.04
N PRO A 93 6.02 -11.16 -14.23
CA PRO A 93 4.93 -10.91 -13.31
C PRO A 93 4.00 -12.13 -13.25
N ARG A 94 3.70 -12.64 -12.06
CA ARG A 94 2.76 -13.73 -11.86
C ARG A 94 1.32 -13.26 -11.90
N LYS A 95 0.98 -12.06 -11.46
CA LYS A 95 -0.40 -11.65 -11.20
C LYS A 95 -0.89 -10.47 -12.01
N VAL A 96 -0.13 -9.40 -12.21
CA VAL A 96 -0.60 -8.26 -13.02
C VAL A 96 0.49 -7.57 -13.82
N LEU A 97 0.14 -7.09 -15.00
CA LEU A 97 0.97 -6.30 -15.89
C LEU A 97 0.22 -5.03 -16.30
N VAL A 98 0.80 -3.85 -16.09
CA VAL A 98 0.19 -2.58 -16.52
C VAL A 98 1.00 -1.96 -17.63
N MET A 99 0.38 -1.70 -18.77
CA MET A 99 1.02 -1.05 -19.90
C MET A 99 0.58 0.40 -19.98
N ALA A 100 1.33 1.32 -19.40
CA ALA A 100 0.97 2.72 -19.31
C ALA A 100 1.72 3.56 -20.32
N VAL A 101 0.99 4.23 -21.20
CA VAL A 101 1.49 5.12 -22.23
C VAL A 101 1.20 6.58 -21.83
N ASP A 102 2.05 7.54 -22.15
CA ASP A 102 1.73 8.95 -21.88
C ASP A 102 0.45 9.38 -22.60
N GLY A 103 -0.51 9.91 -21.87
CA GLY A 103 -1.65 10.66 -22.41
C GLY A 103 -1.42 12.16 -22.32
N VAL A 104 -2.49 12.93 -22.49
CA VAL A 104 -2.49 14.39 -22.33
C VAL A 104 -1.92 14.78 -20.97
N ALA A 105 -0.90 15.64 -20.91
CA ALA A 105 -0.27 16.06 -19.66
C ALA A 105 -0.84 17.40 -19.11
N PRO A 106 -0.65 17.71 -17.82
CA PRO A 106 -1.00 19.02 -17.27
C PRO A 106 -0.25 20.18 -17.93
N ARG A 107 -0.81 21.39 -17.90
CA ARG A 107 -0.15 22.62 -18.35
C ARG A 107 1.23 22.81 -17.73
N ALA A 108 1.42 22.39 -16.48
CA ALA A 108 2.72 22.43 -15.82
C ALA A 108 3.82 21.74 -16.63
N LYS A 109 3.53 20.63 -17.32
CA LYS A 109 4.49 19.98 -18.22
C LYS A 109 4.37 20.42 -19.67
N MET A 110 3.19 20.82 -20.17
CA MET A 110 3.04 21.15 -21.58
C MET A 110 3.98 22.26 -22.03
N ASN A 111 4.23 23.26 -21.19
CA ASN A 111 5.20 24.32 -21.51
C ASN A 111 6.66 23.86 -21.50
N GLN A 112 6.98 22.73 -20.87
CA GLN A 112 8.31 22.10 -20.95
C GLN A 112 8.42 21.14 -22.14
N GLN A 113 7.35 20.40 -22.47
CA GLN A 113 7.29 19.59 -23.69
C GLN A 113 7.40 20.46 -24.95
N ARG A 114 6.67 21.57 -25.01
CA ARG A 114 6.69 22.51 -26.13
C ARG A 114 8.09 22.97 -26.47
N ALA A 115 8.90 23.30 -25.49
CA ALA A 115 10.30 23.66 -25.71
C ALA A 115 11.08 22.56 -26.43
N ARG A 116 11.03 21.31 -25.96
CA ARG A 116 11.76 20.19 -26.59
C ARG A 116 11.23 19.82 -27.97
N ARG A 117 9.93 19.95 -28.23
CA ARG A 117 9.34 19.69 -29.57
C ARG A 117 9.67 20.79 -30.57
N PHE A 118 9.72 22.05 -30.15
CA PHE A 118 10.25 23.12 -30.98
C PHE A 118 11.74 22.97 -31.20
N ARG A 119 12.52 22.62 -30.18
CA ARG A 119 13.97 22.58 -30.32
C ARG A 119 14.40 21.48 -31.28
N SER A 120 13.90 20.28 -31.09
CA SER A 120 14.21 19.13 -31.97
C SER A 120 13.70 19.31 -33.41
N ALA A 121 12.62 20.04 -33.65
CA ALA A 121 12.18 20.38 -35.00
C ALA A 121 13.16 21.31 -35.74
N ARG A 122 13.93 22.16 -35.05
CA ARG A 122 15.02 22.93 -35.69
C ARG A 122 16.25 22.08 -35.99
N ASP A 123 16.60 21.16 -35.11
CA ASP A 123 17.68 20.19 -35.37
C ASP A 123 17.39 19.31 -36.59
N ALA A 124 16.13 18.92 -36.81
CA ALA A 124 15.71 18.21 -38.00
C ALA A 124 15.93 19.00 -39.30
N GLN A 125 15.74 20.33 -39.28
CA GLN A 125 16.04 21.16 -40.46
C GLN A 125 17.54 21.17 -40.76
N ILE A 126 18.38 21.31 -39.73
CA ILE A 126 19.84 21.33 -39.88
C ILE A 126 20.36 20.02 -40.48
N GLU A 127 19.87 18.87 -40.04
CA GLU A 127 20.23 17.59 -40.67
C GLU A 127 19.64 17.40 -42.09
N ASN A 128 18.41 17.84 -42.34
CA ASN A 128 17.84 17.78 -43.69
C ASN A 128 18.61 18.67 -44.68
N GLU A 129 19.11 19.82 -44.23
CA GLU A 129 20.06 20.64 -45.00
C GLU A 129 21.37 19.88 -45.27
N ALA A 130 21.91 19.14 -44.29
CA ALA A 130 23.11 18.33 -44.51
C ALA A 130 22.86 17.18 -45.51
N ARG A 131 21.70 16.50 -45.44
CA ARG A 131 21.32 15.46 -46.42
C ARG A 131 21.06 16.04 -47.81
N GLU A 132 20.41 17.20 -47.92
CA GLU A 132 20.24 17.91 -49.20
C GLU A 132 21.59 18.34 -49.81
N GLU A 133 22.54 18.79 -49.00
CA GLU A 133 23.90 19.13 -49.45
C GLU A 133 24.66 17.92 -50.03
N ILE A 134 24.52 16.74 -49.43
CA ILE A 134 25.07 15.48 -49.98
C ILE A 134 24.33 15.09 -51.28
N MET A 135 23.00 15.16 -51.29
CA MET A 135 22.17 14.88 -52.47
C MET A 135 22.20 16.07 -53.44
N VAL A 149 18.05 6.73 -52.53
CA VAL A 149 18.37 7.44 -51.29
C VAL A 149 18.10 8.95 -51.39
N ARG A 150 17.81 9.47 -52.59
CA ARG A 150 17.39 10.87 -52.80
C ARG A 150 16.05 11.12 -52.09
N ASN A 151 15.93 12.24 -51.36
CA ASN A 151 14.77 12.61 -50.55
C ASN A 151 14.48 11.69 -49.34
N LYS A 152 15.47 10.93 -48.84
CA LYS A 152 15.36 10.11 -47.62
C LYS A 152 15.41 10.99 -46.36
N LYS A 153 14.28 11.64 -46.04
CA LYS A 153 14.07 12.43 -44.82
C LYS A 153 14.00 11.54 -43.58
N THR A 154 14.36 12.06 -42.41
CA THR A 154 14.22 11.36 -41.12
C THR A 154 12.77 11.39 -40.62
N TRP A 155 12.32 10.32 -39.98
CA TRP A 155 10.99 10.23 -39.37
C TRP A 155 10.88 11.19 -38.17
N ASP A 156 9.82 12.01 -38.14
CA ASP A 156 9.65 13.07 -37.15
C ASP A 156 9.26 12.51 -35.77
N SER A 157 10.18 12.53 -34.80
CA SER A 157 9.92 12.04 -33.44
C SER A 157 8.83 12.82 -32.70
N ASN A 158 8.37 13.96 -33.19
CA ASN A 158 7.18 14.62 -32.66
C ASN A 158 5.88 13.83 -32.95
N ALA A 159 5.93 12.73 -33.70
CA ALA A 159 4.78 11.85 -33.90
C ALA A 159 4.41 11.03 -32.65
N ILE A 160 5.35 10.75 -31.74
CA ILE A 160 5.07 10.00 -30.50
C ILE A 160 4.55 10.91 -29.37
N THR A 161 3.34 11.44 -29.58
CA THR A 161 2.53 12.20 -28.62
C THR A 161 1.06 11.77 -28.73
N PRO A 162 0.23 11.92 -27.68
CA PRO A 162 -1.18 11.56 -27.75
C PRO A 162 -1.92 12.23 -28.91
N GLY A 163 -2.91 11.54 -29.48
CA GLY A 163 -3.76 12.05 -30.55
C GLY A 163 -3.21 11.95 -31.98
N THR A 164 -1.95 11.56 -32.19
CA THR A 164 -1.40 11.37 -33.54
C THR A 164 -1.85 10.05 -34.18
N PRO A 165 -1.75 9.90 -35.51
CA PRO A 165 -1.95 8.62 -36.17
C PRO A 165 -1.04 7.51 -35.67
N PHE A 166 0.20 7.80 -35.24
CA PHE A 166 1.12 6.76 -34.78
C PHE A 166 0.71 6.19 -33.41
N MET A 167 0.33 7.00 -32.44
CA MET A 167 -0.10 6.43 -31.16
C MET A 167 -1.40 5.66 -31.31
N ASP A 168 -2.29 6.11 -32.17
CA ASP A 168 -3.51 5.38 -32.52
C ASP A 168 -3.22 4.00 -33.13
N LYS A 169 -2.00 3.78 -33.63
CA LYS A 169 -1.49 2.54 -34.21
C LYS A 169 -0.86 1.65 -33.16
N LEU A 170 -0.09 2.23 -32.25
CA LEU A 170 0.46 1.53 -31.09
C LEU A 170 -0.65 1.02 -30.17
N ALA A 171 -1.74 1.76 -30.02
CA ALA A 171 -2.90 1.36 -29.25
C ALA A 171 -3.55 0.05 -29.71
N ALA A 172 -3.59 -0.20 -31.02
CA ALA A 172 -4.08 -1.43 -31.58
C ALA A 172 -3.01 -2.53 -31.52
N ALA A 173 -1.74 -2.21 -31.75
CA ALA A 173 -0.67 -3.20 -31.67
C ALA A 173 -0.54 -3.79 -30.27
N LEU A 174 -0.61 -2.98 -29.22
CA LEU A 174 -0.53 -3.43 -27.84
C LEU A 174 -1.67 -4.39 -27.49
N ARG A 175 -2.91 -4.04 -27.83
CA ARG A 175 -4.07 -4.84 -27.52
C ARG A 175 -4.10 -6.14 -28.28
N TYR A 176 -3.54 -6.18 -29.49
CA TYR A 176 -3.32 -7.44 -30.19
C TYR A 176 -2.23 -8.28 -29.52
N TRP A 177 -1.04 -7.75 -29.27
CA TRP A 177 0.04 -8.55 -28.69
C TRP A 177 -0.30 -9.10 -27.31
N THR A 178 -1.11 -8.40 -26.53
CA THR A 178 -1.64 -8.92 -25.26
C THR A 178 -2.54 -10.11 -25.50
N ALA A 179 -3.42 -10.05 -26.48
CA ALA A 179 -4.29 -11.15 -26.79
C ALA A 179 -3.48 -12.34 -27.28
N PHE A 180 -2.49 -12.17 -28.14
CA PHE A 180 -1.67 -13.27 -28.60
C PHE A 180 -1.03 -14.04 -27.44
N LYS A 181 -0.45 -13.37 -26.45
CA LYS A 181 0.13 -14.02 -25.27
C LYS A 181 -0.90 -14.68 -24.36
N LEU A 182 -2.00 -14.01 -24.05
CA LEU A 182 -3.07 -14.59 -23.22
C LEU A 182 -3.79 -15.76 -23.87
N ALA A 183 -3.86 -15.81 -25.20
CA ALA A 183 -4.40 -16.94 -25.92
C ALA A 183 -3.41 -18.09 -26.01
N THR A 184 -2.14 -17.84 -26.31
CA THR A 184 -1.22 -18.92 -26.70
C THR A 184 -0.28 -19.42 -25.61
N ASP A 185 0.05 -18.65 -24.59
CA ASP A 185 1.02 -19.08 -23.57
C ASP A 185 0.33 -19.54 -22.26
N PRO A 186 0.50 -20.81 -21.82
CA PRO A 186 -0.11 -21.32 -20.60
C PRO A 186 0.50 -20.74 -19.32
N GLY A 187 1.63 -20.04 -19.37
CA GLY A 187 2.13 -19.28 -18.22
C GLY A 187 1.27 -18.08 -17.86
N TRP A 188 0.59 -17.52 -18.86
CA TRP A 188 -0.26 -16.35 -18.70
C TRP A 188 -1.68 -16.70 -18.26
N LYS A 189 -1.97 -17.96 -17.93
CA LYS A 189 -3.34 -18.46 -17.65
C LYS A 189 -4.06 -17.77 -16.49
N ASN A 190 -3.36 -17.02 -15.66
CA ASN A 190 -3.98 -16.16 -14.67
C ASN A 190 -3.22 -14.84 -14.43
N LEU A 191 -2.43 -14.38 -15.41
CA LEU A 191 -1.93 -13.02 -15.46
C LEU A 191 -3.04 -12.08 -15.93
N GLN A 192 -3.14 -10.89 -15.33
CA GLN A 192 -4.15 -9.90 -15.67
C GLN A 192 -3.47 -8.72 -16.33
N VAL A 193 -3.87 -8.32 -17.54
CA VAL A 193 -3.19 -7.24 -18.26
C VAL A 193 -4.06 -6.02 -18.42
N ILE A 194 -3.57 -4.89 -17.95
CA ILE A 194 -4.25 -3.61 -17.97
C ILE A 194 -3.52 -2.70 -18.92
N ILE A 195 -4.27 -2.01 -19.76
CA ILE A 195 -3.74 -1.21 -20.85
C ILE A 195 -4.27 0.20 -20.73
N SER A 196 -3.40 1.13 -20.36
CA SER A 196 -3.72 2.54 -20.15
C SER A 196 -3.05 3.38 -21.23
N ASP A 197 -3.58 3.22 -22.42
CA ASP A 197 -3.18 3.79 -23.68
C ASP A 197 -3.11 5.34 -23.71
N ALA A 198 -2.54 5.94 -24.76
CA ALA A 198 -2.40 7.39 -24.92
C ALA A 198 -3.74 8.15 -25.00
N THR A 199 -4.83 7.45 -25.27
CA THR A 199 -6.16 8.04 -25.26
C THR A 199 -6.68 8.31 -23.84
N VAL A 200 -6.08 7.74 -22.80
CA VAL A 200 -6.36 8.00 -21.40
C VAL A 200 -5.41 9.10 -20.88
N PRO A 201 -5.88 10.23 -20.32
CA PRO A 201 -5.01 11.34 -19.93
C PRO A 201 -4.08 11.05 -18.75
N GLY A 202 -3.02 11.84 -18.63
CA GLY A 202 -1.96 11.69 -17.62
C GLY A 202 -0.72 10.96 -18.15
N GLU A 203 0.46 11.33 -17.70
CA GLU A 203 1.70 10.67 -18.13
C GLU A 203 1.86 9.28 -17.49
N GLY A 204 2.64 8.38 -18.09
CA GLY A 204 2.74 7.00 -17.65
C GLY A 204 3.19 6.88 -16.20
N GLU A 205 4.20 7.62 -15.83
CA GLU A 205 4.73 7.74 -14.48
C GLU A 205 3.67 8.12 -13.43
N HIS A 206 2.74 9.00 -13.75
CA HIS A 206 1.61 9.40 -12.91
C HIS A 206 0.50 8.34 -12.91
N LYS A 207 0.20 7.73 -14.05
CA LYS A 207 -0.76 6.61 -14.17
C LYS A 207 -0.37 5.42 -13.30
N ILE A 208 0.91 5.07 -13.28
CA ILE A 208 1.43 3.96 -12.50
C ILE A 208 1.30 4.26 -11.02
N MET A 209 1.68 5.44 -10.55
CA MET A 209 1.53 5.78 -9.14
C MET A 209 0.07 5.77 -8.72
N ASN A 210 -0.84 6.30 -9.51
CA ASN A 210 -2.28 6.22 -9.19
C ASN A 210 -2.78 4.78 -9.13
N PHE A 211 -2.31 3.89 -10.00
CA PHE A 211 -2.65 2.48 -9.91
C PHE A 211 -2.17 1.88 -8.59
N ILE A 212 -0.87 1.94 -8.28
CA ILE A 212 -0.30 1.35 -7.05
C ILE A 212 -1.02 1.86 -5.82
N ARG A 213 -1.30 3.15 -5.77
CA ARG A 213 -1.99 3.82 -4.66
C ARG A 213 -3.43 3.35 -4.50
N SER A 214 -4.16 3.10 -5.59
CA SER A 214 -5.52 2.58 -5.50
C SER A 214 -5.58 1.11 -5.08
N GLN A 215 -4.66 0.27 -5.55
CA GLN A 215 -4.61 -1.13 -5.13
C GLN A 215 -4.33 -1.24 -3.65
N ARG A 216 -3.38 -0.47 -3.16
CA ARG A 216 -2.95 -0.37 -1.75
C ARG A 216 -4.03 0.10 -0.79
N ALA A 217 -5.09 0.74 -1.28
CA ALA A 217 -6.21 1.23 -0.47
C ALA A 217 -7.33 0.19 -0.26
N ASP A 218 -7.30 -0.96 -0.94
CA ASP A 218 -8.24 -2.06 -0.71
C ASP A 218 -7.91 -2.78 0.60
N PRO A 219 -8.83 -2.93 1.58
CA PRO A 219 -8.58 -3.73 2.77
C PRO A 219 -8.08 -5.15 2.52
N GLU A 220 -8.45 -5.77 1.40
CA GLU A 220 -8.04 -7.15 1.08
C GLU A 220 -6.62 -7.24 0.51
N TYR A 221 -5.92 -6.13 0.29
CA TYR A 221 -4.59 -6.11 -0.32
C TYR A 221 -3.56 -6.91 0.48
N ASN A 222 -2.75 -7.72 -0.18
CA ASN A 222 -1.66 -8.44 0.44
C ASN A 222 -0.46 -7.51 0.71
N PRO A 223 -0.07 -7.23 1.95
CA PRO A 223 1.00 -6.28 2.25
C PRO A 223 2.36 -6.65 1.70
N ASN A 224 2.54 -7.88 1.24
CA ASN A 224 3.79 -8.43 0.77
C ASN A 224 3.79 -8.69 -0.74
N THR A 225 2.92 -8.08 -1.54
CA THR A 225 3.08 -8.18 -3.00
C THR A 225 4.38 -7.56 -3.42
N THR A 226 5.19 -8.24 -4.20
CA THR A 226 6.42 -7.68 -4.76
C THR A 226 6.08 -6.89 -6.02
N HIS A 227 6.78 -5.79 -6.29
CA HIS A 227 6.48 -4.84 -7.36
C HIS A 227 7.71 -4.54 -8.19
N CYS A 228 7.53 -4.12 -9.44
CA CYS A 228 8.61 -3.60 -10.26
C CYS A 228 8.15 -2.54 -11.26
N ILE A 229 8.95 -1.51 -11.52
CA ILE A 229 8.75 -0.58 -12.63
C ILE A 229 9.88 -0.74 -13.63
N TYR A 230 9.57 -0.92 -14.90
CA TYR A 230 10.54 -0.74 -15.96
C TYR A 230 10.61 0.73 -16.37
N GLY A 231 11.79 1.32 -16.39
CA GLY A 231 11.93 2.63 -17.03
C GLY A 231 13.33 3.21 -16.95
N LEU A 232 13.62 4.12 -17.89
CA LEU A 232 14.94 4.74 -18.05
C LEU A 232 15.09 6.06 -17.29
N ASP A 233 14.03 6.60 -16.72
CA ASP A 233 14.05 7.85 -15.96
C ASP A 233 14.72 7.66 -14.58
N ALA A 234 15.52 8.63 -14.12
CA ALA A 234 16.10 8.64 -12.78
C ALA A 234 15.07 8.90 -11.68
N ASP A 235 13.99 9.63 -11.96
CA ASP A 235 12.97 9.92 -10.96
C ASP A 235 12.26 8.70 -10.43
N LEU A 236 12.30 7.56 -11.12
CA LEU A 236 11.64 6.35 -10.66
C LEU A 236 12.14 5.88 -9.30
N ILE A 237 13.39 6.15 -8.94
CA ILE A 237 13.90 5.77 -7.62
C ILE A 237 13.12 6.47 -6.52
N PHE A 238 12.90 7.78 -6.64
CA PHE A 238 12.18 8.57 -5.67
C PHE A 238 10.70 8.21 -5.66
N LEU A 239 10.13 7.87 -6.81
CA LEU A 239 8.76 7.40 -6.88
C LEU A 239 8.59 6.00 -6.33
N GLY A 240 9.58 5.12 -6.45
CA GLY A 240 9.60 3.84 -5.76
C GLY A 240 9.56 4.01 -4.26
N LEU A 241 10.40 4.88 -3.69
CA LEU A 241 10.33 5.23 -2.28
C LEU A 241 8.98 5.84 -1.89
N ALA A 242 8.44 6.78 -2.66
CA ALA A 242 7.19 7.46 -2.37
C ALA A 242 5.95 6.55 -2.33
N THR A 243 6.01 5.32 -2.84
CA THR A 243 4.92 4.37 -2.68
C THR A 243 4.75 3.90 -1.24
N HIS A 244 5.84 3.84 -0.47
CA HIS A 244 5.92 3.09 0.79
C HIS A 244 5.51 1.62 0.66
N GLU A 245 5.73 1.04 -0.50
CA GLU A 245 5.84 -0.40 -0.68
C GLU A 245 7.32 -0.77 -0.59
N PRO A 246 7.79 -1.43 0.46
CA PRO A 246 9.20 -1.74 0.61
C PRO A 246 9.69 -2.90 -0.27
N HIS A 247 8.80 -3.77 -0.76
CA HIS A 247 9.14 -4.89 -1.64
C HIS A 247 9.29 -4.49 -3.11
N PHE A 248 10.08 -3.46 -3.40
CA PHE A 248 10.07 -2.78 -4.70
C PHE A 248 11.44 -2.82 -5.36
N LYS A 249 11.49 -3.02 -6.67
CA LYS A 249 12.71 -3.05 -7.46
C LYS A 249 12.49 -2.31 -8.77
N ILE A 250 13.50 -1.71 -9.35
CA ILE A 250 13.39 -0.97 -10.61
C ILE A 250 14.23 -1.68 -11.64
N LEU A 251 13.75 -1.82 -12.87
CA LEU A 251 14.45 -2.50 -13.95
C LEU A 251 14.97 -1.51 -14.98
N ARG A 252 16.26 -1.55 -15.31
CA ARG A 252 16.95 -0.57 -16.16
C ARG A 252 18.05 -1.21 -17.00
N GLU A 253 18.37 -0.67 -18.17
CA GLU A 253 19.56 -1.08 -18.96
C GLU A 253 20.88 -0.70 -18.29
N ASP A 254 21.92 -1.52 -18.39
CA ASP A 254 23.16 -1.33 -17.65
C ASP A 254 24.01 -0.15 -18.17
N VAL A 255 23.91 1.01 -17.52
CA VAL A 255 24.72 2.19 -17.85
C VAL A 255 26.21 2.02 -17.56
N PHE A 256 26.63 1.06 -16.73
CA PHE A 256 28.04 0.78 -16.47
C PHE A 256 28.65 -0.12 -17.55
N ALA A 257 27.87 -1.04 -18.13
CA ALA A 257 28.25 -1.73 -19.35
C ALA A 257 28.28 -0.79 -20.58
N GLN A 258 27.39 0.21 -20.64
CA GLN A 258 27.43 1.23 -21.69
C GLN A 258 28.76 2.02 -21.73
N ASP A 259 29.50 2.08 -20.62
CA ASP A 259 30.88 2.58 -20.57
C ASP A 259 31.90 1.46 -20.93
N ASN A 260 31.82 0.31 -20.27
CA ASN A 260 32.79 -0.79 -20.45
C ASN A 260 32.77 -1.46 -21.85
N ARG A 261 31.75 -1.24 -22.68
CA ARG A 261 31.72 -1.64 -24.11
C ARG A 261 32.70 -0.87 -25.01
N LYS A 262 33.39 0.17 -24.52
CA LYS A 262 34.38 0.98 -25.26
C LYS A 262 35.42 0.10 -25.99
N LYS A 282 27.83 -7.77 -29.80
CA LYS A 282 27.86 -6.38 -30.23
C LYS A 282 26.48 -5.82 -30.63
N GLN A 283 25.41 -6.50 -30.19
CA GLN A 283 24.01 -6.21 -30.54
C GLN A 283 23.10 -6.26 -29.30
N ASN A 284 21.89 -5.70 -29.41
CA ASN A 284 20.90 -5.60 -28.31
C ASN A 284 20.56 -6.97 -27.69
N SER A 285 20.72 -8.07 -28.45
CA SER A 285 20.57 -9.45 -27.99
C SER A 285 21.44 -9.81 -26.77
N GLU A 286 22.57 -9.11 -26.55
CA GLU A 286 23.45 -9.28 -25.39
C GLU A 286 23.61 -8.02 -24.52
N GLN A 287 22.72 -7.04 -24.63
CA GLN A 287 22.71 -5.86 -23.74
C GLN A 287 22.30 -6.27 -22.32
N PRO A 288 23.13 -6.05 -21.27
CA PRO A 288 22.79 -6.42 -19.91
C PRO A 288 21.88 -5.39 -19.23
N PHE A 289 21.27 -5.79 -18.12
CA PHE A 289 20.32 -5.01 -17.35
C PHE A 289 20.62 -5.06 -15.86
N LEU A 290 20.03 -4.16 -15.10
CA LEU A 290 20.20 -3.94 -13.67
C LEU A 290 18.87 -3.99 -12.95
N TRP A 291 18.90 -4.48 -11.72
CA TRP A 291 17.90 -4.20 -10.73
C TRP A 291 18.43 -3.15 -9.77
N LEU A 292 17.62 -2.17 -9.43
CA LEU A 292 17.83 -1.28 -8.29
C LEU A 292 16.84 -1.64 -7.19
N HIS A 293 17.32 -2.08 -6.04
CA HIS A 293 16.49 -2.53 -4.93
C HIS A 293 16.14 -1.40 -3.97
N ILE A 294 14.91 -0.88 -4.05
CA ILE A 294 14.41 0.14 -3.12
C ILE A 294 14.34 -0.40 -1.69
N ASN A 295 14.10 -1.71 -1.57
CA ASN A 295 14.19 -2.50 -0.35
C ASN A 295 15.50 -2.23 0.42
N VAL A 296 16.62 -2.10 -0.29
CA VAL A 296 17.96 -1.84 0.27
C VAL A 296 18.28 -0.35 0.35
N LEU A 297 17.70 0.49 -0.52
CA LEU A 297 17.83 1.94 -0.41
C LEU A 297 17.23 2.46 0.90
N ARG A 298 16.08 1.93 1.34
CA ARG A 298 15.50 2.24 2.65
C ARG A 298 16.46 1.88 3.80
N GLU A 299 17.24 0.84 3.63
CA GLU A 299 18.21 0.37 4.61
C GLU A 299 19.38 1.35 4.73
N TYR A 300 19.88 1.89 3.62
CA TYR A 300 20.85 2.97 3.62
C TYR A 300 20.29 4.26 4.21
N LEU A 301 19.08 4.67 3.81
CA LEU A 301 18.46 5.89 4.31
C LEU A 301 18.18 5.84 5.82
N SER A 302 17.97 4.66 6.39
CA SER A 302 17.81 4.48 7.83
C SER A 302 19.03 4.97 8.63
N ALA A 303 20.23 4.85 8.09
CA ALA A 303 21.46 5.39 8.67
C ALA A 303 21.74 6.81 8.19
N GLU A 304 21.56 7.09 6.91
CA GLU A 304 21.88 8.40 6.32
C GLU A 304 20.96 9.52 6.86
N LEU A 305 19.67 9.27 7.05
CA LEU A 305 18.71 10.27 7.52
C LEU A 305 18.61 10.36 9.04
N TRP A 306 19.37 9.58 9.81
CA TRP A 306 19.31 9.65 11.27
C TRP A 306 19.79 11.01 11.80
N VAL A 307 19.00 11.65 12.66
CA VAL A 307 19.40 12.85 13.41
C VAL A 307 19.18 12.60 14.91
N PRO A 308 20.18 12.73 15.77
CA PRO A 308 20.03 12.50 17.20
C PRO A 308 19.38 13.69 17.90
N GLY A 309 18.68 13.45 19.00
CA GLY A 309 18.23 14.52 19.91
C GLY A 309 17.07 15.36 19.42
N LEU A 310 16.25 14.86 18.49
CA LEU A 310 15.03 15.55 18.07
C LEU A 310 14.01 15.68 19.21
N PRO A 311 13.20 16.76 19.26
CA PRO A 311 12.16 16.91 20.27
C PRO A 311 10.94 16.02 20.01
N PHE A 312 10.58 15.78 18.76
CA PHE A 312 9.59 14.79 18.33
C PHE A 312 10.24 13.43 18.05
N THR A 313 9.46 12.35 18.01
CA THR A 313 9.98 11.01 17.75
C THR A 313 10.44 10.85 16.31
N PHE A 314 11.61 10.25 16.08
CA PHE A 314 12.08 9.94 14.74
C PHE A 314 11.21 8.88 14.08
N ASP A 315 10.89 9.02 12.81
CA ASP A 315 10.06 8.07 12.08
C ASP A 315 10.49 7.96 10.61
N LEU A 316 11.02 6.81 10.21
CA LEU A 316 11.69 6.66 8.92
C LEU A 316 10.76 6.95 7.73
N GLU A 317 9.50 6.57 7.79
CA GLU A 317 8.56 6.85 6.71
C GLU A 317 8.37 8.35 6.46
N ARG A 318 8.38 9.19 7.50
CA ARG A 318 8.34 10.65 7.32
C ARG A 318 9.70 11.22 6.95
N ALA A 319 10.80 10.69 7.47
CA ALA A 319 12.13 11.15 7.06
C ALA A 319 12.38 10.90 5.57
N ILE A 320 11.96 9.77 5.02
CA ILE A 320 12.05 9.47 3.60
C ILE A 320 11.17 10.40 2.77
N ASP A 321 9.96 10.75 3.20
CA ASP A 321 9.16 11.75 2.47
C ASP A 321 9.88 13.11 2.37
N ASP A 322 10.49 13.60 3.45
CA ASP A 322 11.25 14.84 3.39
C ASP A 322 12.45 14.71 2.44
N TRP A 323 13.14 13.57 2.42
CA TRP A 323 14.25 13.37 1.49
C TRP A 323 13.81 13.30 0.04
N VAL A 324 12.69 12.64 -0.26
CA VAL A 324 12.07 12.65 -1.59
C VAL A 324 11.62 14.04 -1.99
N PHE A 325 11.09 14.84 -1.07
CA PHE A 325 10.81 16.25 -1.33
C PHE A 325 12.07 17.02 -1.73
N MET A 326 13.19 16.88 -1.02
CA MET A 326 14.44 17.55 -1.41
C MET A 326 14.96 17.08 -2.77
N CYS A 327 14.81 15.82 -3.13
CA CYS A 327 15.18 15.32 -4.46
C CYS A 327 14.33 15.87 -5.60
N PHE A 328 13.08 16.25 -5.36
CA PHE A 328 12.22 16.92 -6.34
C PHE A 328 12.31 18.45 -6.28
N PHE A 329 12.65 19.04 -5.14
CA PHE A 329 12.85 20.48 -5.05
C PHE A 329 14.01 20.95 -5.93
N CYS A 330 15.13 20.23 -5.94
CA CYS A 330 16.34 20.64 -6.65
C CYS A 330 16.60 19.95 -8.00
N GLY A 331 15.60 19.29 -8.57
CA GLY A 331 15.68 18.68 -9.89
C GLY A 331 14.31 18.19 -10.33
N ASN A 332 13.77 18.79 -11.39
CA ASN A 332 12.32 18.85 -11.56
C ASN A 332 11.94 19.00 -13.04
N ASP A 333 10.77 18.50 -13.45
CA ASP A 333 10.23 18.67 -14.80
C ASP A 333 9.40 19.94 -14.98
N PHE A 334 8.87 20.50 -13.90
CA PHE A 334 7.79 21.49 -13.91
C PHE A 334 8.26 22.89 -13.53
N LEU A 335 9.46 23.03 -12.96
CA LEU A 335 10.06 24.27 -12.48
C LEU A 335 11.54 24.36 -12.87
N PRO A 336 12.09 25.55 -13.13
CA PRO A 336 13.52 25.73 -13.27
C PRO A 336 14.24 25.59 -11.93
N HIS A 337 15.51 25.17 -11.95
CA HIS A 337 16.35 25.03 -10.77
C HIS A 337 16.62 26.38 -10.11
N LEU A 338 16.87 26.43 -8.81
CA LEU A 338 17.52 27.61 -8.23
C LEU A 338 18.91 27.76 -8.86
N PRO A 339 19.42 28.96 -9.12
CA PRO A 339 20.74 29.15 -9.71
C PRO A 339 21.86 28.48 -8.91
N CYS A 340 21.68 28.43 -7.60
CA CYS A 340 22.56 27.84 -6.61
C CYS A 340 22.69 26.31 -6.72
N LEU A 341 21.61 25.64 -7.12
CA LEU A 341 21.44 24.19 -7.09
C LEU A 341 21.59 23.57 -8.49
N ASP A 342 22.68 23.88 -9.17
CA ASP A 342 22.88 23.60 -10.60
C ASP A 342 22.95 22.10 -10.95
N VAL A 343 23.59 21.28 -10.10
CA VAL A 343 23.74 19.83 -10.29
C VAL A 343 23.00 19.06 -9.20
N ARG A 344 22.06 18.19 -9.59
CA ARG A 344 21.08 17.57 -8.66
C ARG A 344 21.72 16.72 -7.57
N GLU A 345 22.74 15.93 -7.90
CA GLU A 345 23.39 15.02 -6.95
C GLU A 345 23.99 15.77 -5.75
N ASN A 346 24.99 16.62 -5.96
CA ASN A 346 25.60 17.34 -4.85
C ASN A 346 24.65 18.38 -4.24
N SER A 347 23.63 18.82 -4.97
CA SER A 347 22.54 19.61 -4.41
C SER A 347 21.72 18.85 -3.35
N ILE A 348 21.37 17.58 -3.55
CA ILE A 348 20.69 16.78 -2.53
C ILE A 348 21.56 16.68 -1.28
N ASP A 349 22.86 16.44 -1.44
CA ASP A 349 23.80 16.37 -0.33
C ASP A 349 23.92 17.71 0.43
N ILE A 350 23.81 18.86 -0.24
CA ILE A 350 23.75 20.18 0.41
C ILE A 350 22.44 20.38 1.17
N LEU A 351 21.29 20.13 0.56
CA LEU A 351 20.01 20.30 1.25
C LEU A 351 19.89 19.37 2.46
N LEU A 352 20.40 18.13 2.36
CA LEU A 352 20.36 17.21 3.50
C LEU A 352 21.24 17.70 4.66
N ASP A 353 22.43 18.23 4.40
CA ASP A 353 23.24 18.85 5.46
C ASP A 353 22.54 20.04 6.11
N ILE A 354 21.75 20.82 5.37
CA ILE A 354 20.93 21.88 5.96
C ILE A 354 19.79 21.28 6.79
N TRP A 355 19.05 20.31 6.26
CA TRP A 355 17.94 19.67 6.98
C TRP A 355 18.40 19.05 8.31
N LYS A 356 19.57 18.39 8.33
CA LYS A 356 20.14 17.86 9.59
C LYS A 356 20.49 18.94 10.62
N VAL A 357 20.76 20.17 10.22
CA VAL A 357 21.01 21.29 11.15
C VAL A 357 19.71 21.96 11.58
N VAL A 358 18.75 22.11 10.67
CA VAL A 358 17.46 22.74 10.94
C VAL A 358 16.52 21.86 11.75
N LEU A 359 16.44 20.56 11.46
CA LEU A 359 15.40 19.66 11.97
C LEU A 359 15.20 19.66 13.50
N PRO A 360 16.23 19.66 14.36
CA PRO A 360 16.02 19.71 15.80
C PRO A 360 15.41 21.01 16.32
N LYS A 361 15.36 22.08 15.53
CA LYS A 361 14.68 23.35 15.87
C LYS A 361 13.20 23.36 15.49
N LEU A 362 12.74 22.45 14.63
CA LEU A 362 11.38 22.42 14.09
C LEU A 362 10.38 21.76 15.06
N LYS A 363 9.09 21.97 14.84
CA LYS A 363 8.00 21.27 15.55
C LYS A 363 7.70 19.87 14.97
N THR A 364 7.96 19.67 13.68
CA THR A 364 7.65 18.46 12.90
C THR A 364 8.57 18.35 11.69
N TYR A 365 8.54 17.21 11.00
CA TYR A 365 9.00 17.06 9.62
C TYR A 365 8.36 18.08 8.67
N MET A 366 9.01 18.35 7.54
CA MET A 366 8.57 19.39 6.59
C MET A 366 7.39 18.97 5.73
N THR A 367 7.20 17.68 5.49
CA THR A 367 6.12 17.14 4.66
C THR A 367 5.23 16.20 5.45
N CYS A 368 3.95 16.11 5.08
CA CYS A 368 3.02 15.13 5.66
C CYS A 368 2.02 14.65 4.60
N ASP A 369 2.12 13.39 4.17
CA ASP A 369 1.28 12.76 3.14
C ASP A 369 1.18 13.56 1.83
N GLY A 370 2.21 14.31 1.46
CA GLY A 370 2.22 15.16 0.25
C GLY A 370 1.86 16.63 0.46
N VAL A 371 1.58 17.06 1.69
CA VAL A 371 1.33 18.47 2.05
C VAL A 371 2.56 19.09 2.70
N LEU A 372 2.96 20.31 2.31
CA LEU A 372 4.08 21.05 2.91
C LEU A 372 3.71 21.75 4.22
N ASN A 373 4.66 21.84 5.14
CA ASN A 373 4.65 22.79 6.25
C ASN A 373 5.47 24.04 5.83
N LEU A 374 4.83 25.06 5.28
CA LEU A 374 5.54 26.24 4.78
C LEU A 374 6.40 26.98 5.81
N PRO A 375 6.03 27.12 7.10
CA PRO A 375 6.91 27.69 8.11
C PRO A 375 8.28 27.01 8.15
N SER A 376 8.31 25.68 8.12
CA SER A 376 9.57 24.93 8.17
C SER A 376 10.37 25.04 6.88
N VAL A 377 9.72 24.97 5.72
CA VAL A 377 10.39 25.18 4.42
C VAL A 377 11.00 26.57 4.32
N GLU A 378 10.36 27.60 4.86
CA GLU A 378 10.94 28.94 4.90
C GLU A 378 12.24 28.96 5.71
N THR A 379 12.32 28.28 6.85
CA THR A 379 13.58 28.19 7.60
C THR A 379 14.66 27.38 6.90
N LEU A 380 14.32 26.30 6.18
CA LEU A 380 15.28 25.55 5.39
C LEU A 380 15.89 26.41 4.28
N LEU A 381 15.06 27.14 3.55
CA LEU A 381 15.53 27.99 2.46
C LEU A 381 16.28 29.24 2.96
N GLN A 382 15.94 29.79 4.12
CA GLN A 382 16.75 30.84 4.73
C GLN A 382 18.17 30.35 5.05
N HIS A 383 18.34 29.13 5.55
CA HIS A 383 19.68 28.57 5.75
C HIS A 383 20.44 28.41 4.44
N LEU A 384 19.80 27.92 3.38
CA LEU A 384 20.44 27.85 2.06
C LEU A 384 20.84 29.24 1.55
N GLY A 385 19.97 30.24 1.69
CA GLY A 385 20.26 31.61 1.31
C GLY A 385 21.51 32.17 2.00
N SER A 386 21.80 31.75 3.24
CA SER A 386 23.04 32.15 3.93
C SER A 386 24.31 31.55 3.33
N ARG A 387 24.22 30.40 2.65
CA ARG A 387 25.35 29.71 1.98
C ARG A 387 25.54 30.12 0.53
N GLU A 388 24.50 30.63 -0.11
CA GLU A 388 24.40 30.83 -1.56
C GLU A 388 25.59 31.59 -2.15
N GLY A 389 26.05 32.67 -1.53
CA GLY A 389 27.18 33.45 -2.04
C GLY A 389 28.48 32.64 -2.10
N ASP A 390 28.75 31.83 -1.09
CA ASP A 390 29.95 30.99 -1.04
C ASP A 390 29.85 29.79 -1.98
N ILE A 391 28.64 29.29 -2.22
CA ILE A 391 28.40 28.29 -3.27
C ILE A 391 28.78 28.88 -4.63
N PHE A 392 28.36 30.10 -4.96
CA PHE A 392 28.78 30.74 -6.21
C PHE A 392 30.29 30.95 -6.29
N LYS A 393 30.96 31.44 -5.24
CA LYS A 393 32.44 31.61 -5.27
C LYS A 393 33.12 30.28 -5.56
N THR A 394 32.77 29.24 -4.81
CA THR A 394 33.41 27.93 -4.97
C THR A 394 33.14 27.33 -6.36
N ARG A 395 31.94 27.46 -6.93
CA ARG A 395 31.70 27.01 -8.31
C ARG A 395 32.60 27.72 -9.31
N HIS A 396 32.73 29.05 -9.24
CA HIS A 396 33.60 29.77 -10.16
C HIS A 396 35.09 29.45 -9.98
N ILE A 397 35.55 29.22 -8.75
CA ILE A 397 36.92 28.74 -8.49
C ILE A 397 37.14 27.35 -9.08
N GLN A 398 36.20 26.42 -8.91
CA GLN A 398 36.30 25.09 -9.48
C GLN A 398 36.33 25.11 -11.01
N GLU A 399 35.51 25.92 -11.68
CA GLU A 399 35.58 26.06 -13.13
C GLU A 399 36.89 26.72 -13.60
N ALA A 400 37.45 27.66 -12.84
CA ALA A 400 38.78 28.19 -13.14
C ALA A 400 39.86 27.09 -13.06
N ARG A 401 39.77 26.21 -12.05
CA ARG A 401 40.66 25.04 -11.91
C ARG A 401 40.46 24.02 -13.03
N LYS A 402 39.23 23.72 -13.44
CA LYS A 402 38.93 22.88 -14.61
C LYS A 402 39.56 23.44 -15.89
N LYS A 403 39.46 24.76 -16.10
CA LYS A 403 40.07 25.44 -17.24
C LYS A 403 41.59 25.30 -17.24
N GLU A 404 42.27 25.71 -16.16
CA GLU A 404 43.74 25.69 -16.13
C GLU A 404 44.33 24.26 -16.11
N ALA A 405 43.62 23.27 -15.56
CA ALA A 405 44.04 21.87 -15.60
C ALA A 405 43.99 21.26 -17.01
N PHE A 406 43.03 21.68 -17.84
CA PHE A 406 43.02 21.36 -19.27
C PHE A 406 44.08 22.15 -20.05
N GLU A 407 44.16 23.47 -19.84
CA GLU A 407 45.21 24.33 -20.39
C GLU A 407 46.53 24.10 -19.66
N GLY A 585 15.33 40.48 -24.03
CA GLY A 585 16.52 39.95 -24.67
C GLY A 585 16.53 40.09 -26.20
N PRO A 586 17.56 39.56 -26.87
CA PRO A 586 17.65 39.50 -28.34
C PRO A 586 16.42 38.85 -28.99
N LYS A 587 16.15 39.20 -30.25
CA LYS A 587 14.96 38.74 -31.00
C LYS A 587 15.07 37.29 -31.50
N ASN A 588 16.28 36.79 -31.72
CA ASN A 588 16.56 35.47 -32.29
C ASN A 588 18.00 35.00 -31.93
N GLY A 589 18.29 33.72 -32.16
CA GLY A 589 19.62 33.12 -32.11
C GLY A 589 20.02 32.65 -30.72
N VAL A 590 21.17 31.99 -30.65
CA VAL A 590 21.83 31.66 -29.38
C VAL A 590 22.36 32.92 -28.73
N PHE A 591 22.20 33.07 -27.43
CA PHE A 591 22.88 34.09 -26.63
C PHE A 591 23.05 33.59 -25.21
N ASP A 592 23.55 34.41 -24.30
CA ASP A 592 23.87 33.99 -22.93
C ASP A 592 23.76 35.17 -21.96
N THR A 593 22.81 35.09 -21.03
CA THR A 593 22.57 36.19 -20.07
C THR A 593 23.55 36.20 -18.90
N ASP A 594 24.27 35.11 -18.64
CA ASP A 594 25.07 34.95 -17.42
C ASP A 594 26.35 35.80 -17.40
N GLU A 595 26.94 36.09 -18.57
CA GLU A 595 28.22 36.77 -18.70
C GLU A 595 28.26 38.16 -18.06
N PHE A 596 27.10 38.81 -17.93
CA PHE A 596 26.97 40.12 -17.29
C PHE A 596 26.83 40.00 -15.77
N VAL A 597 26.28 38.90 -15.25
CA VAL A 597 25.80 38.81 -13.88
C VAL A 597 26.94 38.61 -12.88
N LYS A 598 27.90 37.73 -13.17
CA LYS A 598 29.03 37.42 -12.29
C LYS A 598 28.61 37.17 -10.84
N LEU A 599 27.93 36.06 -10.61
CA LEU A 599 27.38 35.67 -9.29
C LEU A 599 28.45 35.54 -8.20
N PHE A 600 29.71 35.31 -8.57
CA PHE A 600 30.87 35.16 -7.69
C PHE A 600 31.46 36.49 -7.18
N GLU A 601 30.86 37.62 -7.52
CA GLU A 601 31.34 38.97 -7.20
C GLU A 601 30.21 39.77 -6.53
N PRO A 602 30.47 40.62 -5.52
CA PRO A 602 29.43 41.28 -4.74
C PRO A 602 28.36 42.01 -5.53
N GLY A 603 27.16 42.11 -4.97
CA GLY A 603 26.05 42.87 -5.54
C GLY A 603 25.31 42.17 -6.69
N TYR A 604 25.48 40.85 -6.86
CA TYR A 604 24.86 40.11 -7.96
C TYR A 604 23.33 40.09 -7.90
N HIS A 605 22.68 40.29 -6.75
CA HIS A 605 21.23 40.20 -6.62
C HIS A 605 20.48 41.11 -7.60
N GLU A 606 20.88 42.37 -7.66
CA GLU A 606 20.29 43.34 -8.59
C GLU A 606 20.66 43.01 -10.04
N ARG A 607 21.90 42.59 -10.24
CA ARG A 607 22.47 42.30 -11.55
C ARG A 607 21.83 41.09 -12.21
N TYR A 608 21.42 40.11 -11.43
CA TYR A 608 20.71 38.92 -11.87
C TYR A 608 19.33 39.31 -12.39
N TYR A 609 18.49 39.91 -11.55
CA TYR A 609 17.14 40.25 -11.96
C TYR A 609 17.10 41.19 -13.16
N THR A 610 17.94 42.22 -13.18
CA THR A 610 17.90 43.18 -14.27
C THR A 610 18.36 42.59 -15.59
N ALA A 611 19.27 41.61 -15.59
CA ALA A 611 19.71 40.95 -16.80
C ALA A 611 18.70 39.92 -17.33
N LYS A 612 18.14 39.08 -16.46
CA LYS A 612 17.21 38.01 -16.86
C LYS A 612 15.87 38.56 -17.33
N PHE A 613 15.31 39.54 -16.62
CA PHE A 613 13.96 40.04 -16.88
C PHE A 613 13.89 41.38 -17.60
N HIS A 614 15.02 42.04 -17.87
CA HIS A 614 15.08 43.39 -18.46
C HIS A 614 14.26 44.42 -17.67
N VAL A 615 14.38 44.35 -16.34
CA VAL A 615 13.60 45.14 -15.36
C VAL A 615 14.45 46.23 -14.69
N THR A 616 13.89 47.43 -14.57
CA THR A 616 14.46 48.57 -13.85
C THR A 616 14.41 48.38 -12.33
N PRO A 617 15.40 48.89 -11.58
CA PRO A 617 15.65 48.48 -10.19
C PRO A 617 14.55 48.83 -9.18
N GLN A 618 13.60 49.70 -9.53
CA GLN A 618 12.47 50.05 -8.67
C GLN A 618 11.40 48.96 -8.59
N ASP A 619 11.28 48.09 -9.60
CA ASP A 619 10.23 47.05 -9.67
C ASP A 619 10.68 45.66 -9.20
N ILE A 620 11.95 45.48 -8.82
CA ILE A 620 12.53 44.20 -8.43
C ILE A 620 11.79 43.57 -7.24
N GLU A 621 11.40 44.36 -6.24
CA GLU A 621 10.63 43.86 -5.10
C GLU A 621 9.28 43.27 -5.50
N GLN A 622 8.50 44.00 -6.29
CA GLN A 622 7.18 43.53 -6.73
C GLN A 622 7.28 42.28 -7.61
N LEU A 623 8.35 42.15 -8.38
CA LEU A 623 8.65 40.96 -9.17
C LEU A 623 9.06 39.77 -8.29
N ARG A 624 9.94 39.99 -7.31
CA ARG A 624 10.46 38.96 -6.39
C ARG A 624 9.35 38.30 -5.59
N LYS A 625 8.44 39.10 -5.04
CA LYS A 625 7.28 38.61 -4.28
C LYS A 625 6.40 37.70 -5.11
N ASP A 626 6.18 38.03 -6.39
CA ASP A 626 5.35 37.22 -7.27
C ASP A 626 6.02 35.91 -7.71
N MET A 627 7.31 35.92 -8.03
CA MET A 627 8.02 34.69 -8.36
C MET A 627 8.10 33.73 -7.19
N VAL A 628 8.41 34.22 -5.98
CA VAL A 628 8.49 33.35 -4.80
C VAL A 628 7.12 32.74 -4.48
N LYS A 629 6.03 33.49 -4.62
CA LYS A 629 4.68 32.95 -4.51
C LYS A 629 4.44 31.84 -5.53
N CYS A 630 4.69 32.09 -6.81
CA CYS A 630 4.45 31.11 -7.86
C CYS A 630 5.37 29.89 -7.75
N TYR A 631 6.63 30.07 -7.35
CA TYR A 631 7.55 28.95 -7.23
C TYR A 631 7.15 28.05 -6.06
N ILE A 632 6.80 28.61 -4.90
CA ILE A 632 6.31 27.82 -3.79
C ILE A 632 4.96 27.15 -4.10
N GLU A 633 4.03 27.81 -4.79
CA GLU A 633 2.83 27.13 -5.29
C GLU A 633 3.18 25.98 -6.23
N GLY A 634 4.21 26.13 -7.05
CA GLY A 634 4.70 25.06 -7.91
C GLY A 634 5.32 23.91 -7.14
N VAL A 635 6.14 24.18 -6.14
CA VAL A 635 6.73 23.15 -5.27
C VAL A 635 5.63 22.39 -4.53
N ALA A 636 4.59 23.07 -4.08
CA ALA A 636 3.41 22.45 -3.48
C ALA A 636 2.62 21.62 -4.50
N TRP A 637 2.46 22.08 -5.74
CA TRP A 637 1.81 21.33 -6.81
C TRP A 637 2.58 20.05 -7.13
N VAL A 638 3.90 20.11 -7.29
CA VAL A 638 4.72 18.94 -7.64
C VAL A 638 4.72 17.89 -6.54
N LEU A 639 4.77 18.28 -5.27
CA LEU A 639 4.67 17.31 -4.19
C LEU A 639 3.29 16.64 -4.17
N MET A 640 2.21 17.41 -4.33
CA MET A 640 0.86 16.84 -4.40
C MET A 640 0.69 15.92 -5.62
N TYR A 641 1.26 16.28 -6.76
CA TYR A 641 1.23 15.49 -8.00
C TYR A 641 1.69 14.06 -7.78
N TYR A 642 2.87 13.88 -7.19
CA TYR A 642 3.44 12.56 -6.96
C TYR A 642 2.87 11.82 -5.77
N TYR A 643 2.33 12.49 -4.75
CA TYR A 643 1.81 11.84 -3.55
C TYR A 643 0.30 11.59 -3.54
N GLN A 644 -0.49 12.31 -4.32
CA GLN A 644 -1.95 12.18 -4.34
C GLN A 644 -2.60 12.32 -5.73
N GLY A 645 -1.84 12.61 -6.80
CA GLY A 645 -2.38 12.90 -8.13
C GLY A 645 -2.68 14.39 -8.33
N CYS A 646 -2.69 14.86 -9.57
CA CYS A 646 -2.54 16.28 -9.85
C CYS A 646 -3.69 17.13 -9.27
N ALA A 647 -3.33 18.27 -8.66
CA ALA A 647 -4.30 19.15 -8.02
C ALA A 647 -5.01 20.07 -9.03
N SER A 648 -4.30 20.53 -10.06
CA SER A 648 -4.86 21.22 -11.22
C SER A 648 -4.17 20.78 -12.50
N TRP A 649 -4.93 20.57 -13.57
CA TRP A 649 -4.39 20.42 -14.92
C TRP A 649 -4.03 21.76 -15.57
N ASN A 650 -4.55 22.88 -15.07
CA ASN A 650 -4.35 24.23 -15.64
C ASN A 650 -3.17 25.03 -15.07
N TRP A 651 -2.70 24.75 -13.86
CA TRP A 651 -1.64 25.54 -13.22
C TRP A 651 -0.31 25.38 -13.96
N PHE A 652 0.45 26.47 -14.11
CA PHE A 652 1.83 26.47 -14.61
C PHE A 652 2.62 27.65 -14.02
N TYR A 653 3.94 27.55 -13.97
CA TYR A 653 4.83 28.61 -13.49
C TYR A 653 5.08 29.65 -14.58
N PRO A 654 4.67 30.93 -14.46
CA PRO A 654 4.65 31.87 -15.58
C PRO A 654 5.99 32.42 -16.09
N TYR A 655 7.13 31.96 -15.60
CA TYR A 655 8.45 32.59 -15.81
C TYR A 655 9.49 31.60 -16.34
N HIS A 656 10.51 32.10 -17.04
CA HIS A 656 11.60 31.27 -17.55
C HIS A 656 12.69 30.95 -16.52
N TYR A 657 12.73 31.62 -15.36
CA TYR A 657 13.81 31.50 -14.37
C TYR A 657 13.29 31.43 -12.94
N ALA A 658 14.11 30.91 -12.03
CA ALA A 658 13.84 30.88 -10.59
C ALA A 658 14.32 32.17 -9.88
N PRO A 659 13.80 32.48 -8.67
CA PRO A 659 14.44 33.42 -7.74
C PRO A 659 15.85 32.97 -7.32
N LEU A 660 16.59 33.82 -6.61
CA LEU A 660 17.79 33.41 -5.88
C LEU A 660 17.39 32.84 -4.51
N ALA A 661 18.19 32.00 -3.87
CA ALA A 661 17.82 31.41 -2.59
C ALA A 661 17.61 32.48 -1.49
N THR A 662 18.34 33.60 -1.49
CA THR A 662 18.07 34.73 -0.58
C THR A 662 16.71 35.41 -0.76
N ASP A 663 15.94 35.10 -1.80
CA ASP A 663 14.60 35.64 -2.02
C ASP A 663 13.50 34.89 -1.27
N PHE A 664 13.76 33.65 -0.86
CA PHE A 664 12.77 32.78 -0.25
C PHE A 664 12.53 33.15 1.23
N HIS A 665 11.70 34.15 1.44
CA HIS A 665 11.13 34.56 2.72
C HIS A 665 9.79 35.29 2.51
N GLY A 666 8.99 35.39 3.56
CA GLY A 666 7.70 36.09 3.49
C GLY A 666 6.59 35.28 2.82
N PHE A 667 6.63 33.95 2.92
CA PHE A 667 5.58 33.06 2.42
C PHE A 667 5.10 32.05 3.45
N SER A 668 5.66 32.00 4.66
CA SER A 668 5.21 31.12 5.76
C SER A 668 3.69 31.16 6.01
N HIS A 669 3.04 32.32 5.83
CA HIS A 669 1.62 32.53 6.04
C HIS A 669 0.71 31.99 4.93
N LEU A 670 1.26 31.61 3.78
CA LEU A 670 0.52 31.42 2.53
C LEU A 670 -0.43 30.20 2.58
N GLU A 671 -1.64 30.33 2.03
CA GLU A 671 -2.60 29.22 1.93
C GLU A 671 -2.81 28.81 0.47
N ILE A 672 -2.52 27.55 0.15
CA ILE A 672 -2.43 27.06 -1.23
C ILE A 672 -3.64 26.18 -1.58
N LYS A 673 -4.29 26.48 -2.70
CA LYS A 673 -5.54 25.84 -3.15
C LYS A 673 -5.55 25.69 -4.67
N PHE A 674 -6.26 24.67 -5.16
CA PHE A 674 -6.25 24.23 -6.56
C PHE A 674 -7.62 23.67 -6.96
N GLU A 675 -7.94 23.70 -8.25
CA GLU A 675 -9.12 23.05 -8.83
C GLU A 675 -8.73 22.04 -9.92
N GLU A 676 -9.27 20.83 -9.90
CA GLU A 676 -9.16 19.90 -11.02
C GLU A 676 -10.08 20.33 -12.18
N GLY A 677 -9.65 21.31 -12.97
CA GLY A 677 -10.22 21.52 -14.30
C GLY A 677 -9.93 20.32 -15.21
N THR A 678 -10.76 20.08 -16.22
CA THR A 678 -10.61 18.93 -17.13
C THR A 678 -9.29 19.01 -17.92
N PRO A 679 -8.58 17.90 -18.18
CA PRO A 679 -7.46 17.90 -19.12
C PRO A 679 -7.90 18.24 -20.54
N PHE A 680 -6.99 18.77 -21.37
CA PHE A 680 -7.28 19.14 -22.76
C PHE A 680 -7.75 17.94 -23.59
N LEU A 681 -8.55 18.19 -24.63
CA LEU A 681 -8.81 17.16 -25.65
C LEU A 681 -7.57 16.99 -26.55
N PRO A 682 -7.31 15.81 -27.13
CA PRO A 682 -6.09 15.53 -27.89
C PRO A 682 -5.68 16.56 -28.96
N TYR A 683 -6.58 17.18 -29.72
CA TYR A 683 -6.18 18.24 -30.66
C TYR A 683 -5.82 19.55 -29.96
N GLU A 684 -6.45 19.89 -28.85
CA GLU A 684 -6.07 21.03 -28.03
C GLU A 684 -4.67 20.80 -27.43
N GLN A 685 -4.37 19.57 -26.99
CA GLN A 685 -3.03 19.17 -26.60
C GLN A 685 -2.04 19.30 -27.75
N LEU A 686 -2.33 18.82 -28.96
CA LEU A 686 -1.38 18.84 -30.06
C LEU A 686 -1.07 20.26 -30.50
N MET A 687 -2.09 21.09 -30.62
CA MET A 687 -1.92 22.51 -30.91
C MET A 687 -1.08 23.20 -29.86
N SER A 688 -1.17 22.78 -28.61
CA SER A 688 -0.47 23.40 -27.50
C SER A 688 0.99 22.98 -27.35
N VAL A 689 1.52 22.03 -28.13
CA VAL A 689 2.92 21.57 -28.00
C VAL A 689 3.68 21.36 -29.30
N LEU A 690 3.06 21.38 -30.47
CA LEU A 690 3.77 21.15 -31.74
C LEU A 690 4.20 22.45 -32.42
N PRO A 691 5.38 22.50 -33.04
CA PRO A 691 5.74 23.58 -33.96
C PRO A 691 4.99 23.45 -35.27
N ALA A 692 4.96 24.50 -36.11
CA ALA A 692 4.28 24.43 -37.40
C ALA A 692 4.88 23.36 -38.34
N ALA A 693 6.17 23.05 -38.19
CA ALA A 693 6.86 22.03 -38.98
C ALA A 693 6.27 20.62 -38.84
N SER A 694 5.78 20.25 -37.66
CA SER A 694 5.15 18.96 -37.39
C SER A 694 3.64 18.95 -37.60
N GLY A 695 3.08 19.95 -38.31
CA GLY A 695 1.65 20.08 -38.54
C GLY A 695 1.01 18.91 -39.29
N HIS A 696 1.79 18.10 -40.01
CA HIS A 696 1.29 16.89 -40.68
C HIS A 696 0.64 15.87 -39.72
N ALA A 697 1.00 15.87 -38.44
CA ALA A 697 0.40 14.99 -37.43
C ALA A 697 -1.04 15.41 -37.05
N LEU A 698 -1.47 16.63 -37.36
CA LEU A 698 -2.84 17.11 -37.20
C LEU A 698 -3.68 16.95 -38.49
N PRO A 699 -5.01 16.87 -38.39
CA PRO A 699 -5.92 17.08 -39.50
C PRO A 699 -5.58 18.35 -40.30
N LYS A 700 -5.90 18.38 -41.61
CA LYS A 700 -5.51 19.49 -42.51
C LYS A 700 -5.97 20.85 -42.01
N ILE A 701 -7.16 20.93 -41.42
CA ILE A 701 -7.80 22.19 -41.03
C ILE A 701 -6.96 22.99 -40.02
N PHE A 702 -6.40 22.36 -38.99
CA PHE A 702 -5.60 23.02 -37.96
C PHE A 702 -4.25 23.54 -38.46
N ARG A 703 -3.72 23.00 -39.56
CA ARG A 703 -2.43 23.44 -40.13
C ARG A 703 -2.49 24.89 -40.61
N SER A 704 -3.67 25.35 -41.03
CA SER A 704 -3.87 26.77 -41.37
C SER A 704 -3.66 27.66 -40.16
N LEU A 705 -4.28 27.35 -39.02
CA LEU A 705 -4.11 28.10 -37.78
C LEU A 705 -2.65 28.17 -37.32
N MET A 706 -1.85 27.12 -37.53
CA MET A 706 -0.43 27.16 -37.18
C MET A 706 0.40 28.08 -38.06
N SER A 707 0.00 28.36 -39.30
CA SER A 707 0.98 28.77 -40.32
C SER A 707 0.59 29.94 -41.23
N GLU A 708 -0.69 30.21 -41.45
CA GLU A 708 -1.09 31.39 -42.23
C GLU A 708 -0.88 32.68 -41.43
N PRO A 709 -0.22 33.73 -41.97
CA PRO A 709 -0.09 35.03 -41.33
C PRO A 709 -1.40 35.71 -40.89
N ASP A 710 -2.54 35.26 -41.42
CA ASP A 710 -3.87 35.76 -41.04
C ASP A 710 -4.42 35.12 -39.75
N SER A 711 -3.83 34.03 -39.27
CA SER A 711 -4.39 33.24 -38.17
C SER A 711 -4.47 34.01 -36.86
N GLU A 712 -5.56 33.85 -36.13
CA GLU A 712 -5.78 34.49 -34.84
C GLU A 712 -4.74 34.12 -33.78
N ILE A 713 -3.93 33.08 -34.01
CA ILE A 713 -2.99 32.53 -33.04
C ILE A 713 -1.60 32.27 -33.62
N ILE A 714 -1.18 32.96 -34.68
CA ILE A 714 0.19 32.82 -35.22
C ILE A 714 1.29 33.04 -34.20
N ASP A 715 1.11 33.95 -33.24
CA ASP A 715 2.17 34.37 -32.33
C ASP A 715 2.63 33.25 -31.39
N PHE A 716 1.85 32.19 -31.24
CA PHE A 716 2.27 31.01 -30.50
C PHE A 716 3.23 30.12 -31.29
N TYR A 717 3.36 30.31 -32.60
CA TYR A 717 4.11 29.44 -33.51
C TYR A 717 5.24 30.16 -34.24
N PRO A 718 6.16 30.85 -33.55
CA PRO A 718 7.24 31.56 -34.20
C PRO A 718 8.21 30.56 -34.83
N GLU A 719 8.61 30.78 -36.08
CA GLU A 719 9.51 29.85 -36.76
C GLU A 719 10.91 29.81 -36.14
N GLU A 720 11.36 30.94 -35.56
CA GLU A 720 12.55 30.99 -34.72
C GLU A 720 12.37 31.89 -33.49
N PHE A 721 13.09 31.55 -32.44
CA PHE A 721 12.96 32.06 -31.09
C PHE A 721 14.35 32.15 -30.46
N PRO A 722 14.60 33.07 -29.52
CA PRO A 722 15.89 33.18 -28.88
C PRO A 722 16.10 32.04 -27.88
N ILE A 723 17.31 31.50 -27.78
CA ILE A 723 17.68 30.47 -26.81
C ILE A 723 18.80 30.97 -25.89
N ASP A 724 18.55 31.01 -24.60
CA ASP A 724 19.44 31.58 -23.58
C ASP A 724 20.29 30.50 -22.91
N MET A 725 21.56 30.39 -23.27
CA MET A 725 22.49 29.48 -22.58
C MET A 725 22.72 30.00 -21.18
N ASN A 726 22.39 29.22 -20.15
CA ASN A 726 22.66 29.59 -18.76
C ASN A 726 23.96 28.97 -18.25
N GLY A 727 24.54 29.55 -17.21
CA GLY A 727 25.75 29.02 -16.57
C GLY A 727 26.93 28.83 -17.51
N LYS A 728 26.96 29.55 -18.63
CA LYS A 728 27.95 29.40 -19.71
C LYS A 728 28.09 27.95 -20.22
N LYS A 729 27.03 27.15 -20.09
CA LYS A 729 27.01 25.73 -20.47
C LYS A 729 27.32 25.55 -21.95
N MET A 730 28.50 25.00 -22.26
CA MET A 730 28.97 24.81 -23.65
C MET A 730 28.36 23.55 -24.27
N SER A 731 27.05 23.58 -24.54
CA SER A 731 26.27 22.41 -24.91
C SER A 731 24.95 22.79 -25.61
N TRP A 732 23.99 21.88 -25.59
CA TRP A 732 22.60 21.98 -26.03
C TRP A 732 21.63 22.49 -24.94
N GLN A 733 22.12 22.82 -23.73
CA GLN A 733 21.31 22.89 -22.51
C GLN A 733 20.51 24.20 -22.27
N GLY A 734 20.59 25.20 -23.15
CA GLY A 734 19.95 26.50 -22.92
C GLY A 734 18.41 26.48 -22.82
N ILE A 735 17.85 27.58 -22.34
CA ILE A 735 16.41 27.74 -22.21
C ILE A 735 15.83 28.34 -23.49
N ALA A 736 14.91 27.66 -24.16
CA ALA A 736 14.18 28.21 -25.30
C ALA A 736 13.12 29.20 -24.83
N LEU A 737 13.23 30.47 -25.18
CA LEU A 737 12.35 31.52 -24.68
C LEU A 737 11.07 31.66 -25.50
N LEU A 738 10.32 30.59 -25.66
CA LEU A 738 9.05 30.59 -26.39
C LEU A 738 7.99 31.37 -25.62
N PRO A 739 7.05 32.04 -26.29
CA PRO A 739 5.96 32.73 -25.61
C PRO A 739 5.00 31.76 -24.94
N PHE A 740 4.52 32.08 -23.74
CA PHE A 740 3.54 31.26 -23.03
C PHE A 740 2.18 31.39 -23.70
N ILE A 741 1.54 30.27 -23.99
CA ILE A 741 0.21 30.23 -24.61
C ILE A 741 -0.83 30.82 -23.68
N ASP A 742 -1.71 31.67 -24.22
CA ASP A 742 -2.92 32.10 -23.53
C ASP A 742 -4.04 31.10 -23.83
N GLN A 743 -4.36 30.23 -22.89
CA GLN A 743 -5.18 29.07 -23.24
C GLN A 743 -6.62 29.41 -23.62
N ASP A 744 -7.24 30.45 -23.06
CA ASP A 744 -8.60 30.83 -23.46
C ASP A 744 -8.63 31.30 -24.92
N ARG A 745 -7.56 31.95 -25.37
CA ARG A 745 -7.40 32.40 -26.73
C ARG A 745 -7.06 31.25 -27.67
N LEU A 746 -6.28 30.25 -27.24
CA LEU A 746 -6.03 29.03 -28.02
C LEU A 746 -7.27 28.14 -28.15
N LEU A 747 -7.96 27.85 -27.07
CA LEU A 747 -9.12 26.96 -27.10
C LEU A 747 -10.26 27.52 -27.95
N THR A 748 -10.56 28.82 -27.85
CA THR A 748 -11.61 29.44 -28.69
C THR A 748 -11.28 29.41 -30.18
N ALA A 749 -10.00 29.45 -30.58
CA ALA A 749 -9.59 29.25 -31.95
C ALA A 749 -9.75 27.79 -32.40
N VAL A 750 -9.24 26.85 -31.62
CA VAL A 750 -9.29 25.41 -31.94
C VAL A 750 -10.71 24.87 -31.96
N ARG A 751 -11.52 25.14 -30.94
CA ARG A 751 -12.90 24.63 -30.84
C ARG A 751 -13.85 25.19 -31.88
N ALA A 752 -13.50 26.31 -32.54
CA ALA A 752 -14.23 26.81 -33.69
C ALA A 752 -14.09 25.91 -34.93
N GLN A 753 -13.05 25.08 -35.02
CA GLN A 753 -12.87 24.18 -36.17
C GLN A 753 -13.68 22.88 -36.06
N TYR A 754 -14.03 22.43 -34.86
CA TYR A 754 -14.65 21.13 -34.62
C TYR A 754 -15.87 20.79 -35.52
N PRO A 755 -16.83 21.70 -35.81
CA PRO A 755 -17.94 21.36 -36.70
C PRO A 755 -17.53 21.10 -38.16
N LEU A 756 -16.26 21.32 -38.53
CA LEU A 756 -15.70 21.01 -39.85
C LEU A 756 -14.80 19.76 -39.87
N LEU A 757 -14.66 19.03 -38.75
CA LEU A 757 -13.98 17.74 -38.73
C LEU A 757 -14.87 16.60 -39.25
N SER A 758 -14.28 15.62 -39.92
CA SER A 758 -14.94 14.35 -40.25
C SER A 758 -15.21 13.52 -38.99
N ASP A 759 -16.21 12.63 -38.99
CA ASP A 759 -16.48 11.76 -37.84
C ASP A 759 -15.30 10.83 -37.50
N ALA A 760 -14.53 10.40 -38.51
CA ALA A 760 -13.29 9.67 -38.31
C ALA A 760 -12.16 10.50 -37.66
N GLU A 761 -12.31 11.83 -37.62
CA GLU A 761 -11.41 12.77 -36.95
C GLU A 761 -11.99 13.29 -35.63
N ARG A 762 -13.29 13.12 -35.35
CA ARG A 762 -13.88 13.38 -34.03
C ARG A 762 -13.60 12.21 -33.08
N ALA A 763 -13.62 10.98 -33.57
CA ALA A 763 -12.81 9.92 -32.98
C ALA A 763 -11.32 10.32 -33.06
N ARG A 764 -10.47 9.78 -32.17
CA ARG A 764 -9.15 10.34 -31.77
C ARG A 764 -9.20 11.61 -30.91
N ASN A 765 -10.33 12.32 -30.80
CA ASN A 765 -10.46 13.52 -29.98
C ASN A 765 -11.43 13.40 -28.79
N ILE A 766 -11.93 12.19 -28.50
CA ILE A 766 -12.64 11.89 -27.25
C ILE A 766 -11.65 11.46 -26.16
N ARG A 767 -12.01 11.69 -24.89
CA ARG A 767 -11.27 11.13 -23.75
C ARG A 767 -11.52 9.63 -23.67
N GLY A 768 -10.46 8.83 -23.56
CA GLY A 768 -10.56 7.42 -23.20
C GLY A 768 -10.85 7.25 -21.71
N GLU A 769 -12.03 7.65 -21.25
CA GLU A 769 -12.46 7.44 -19.85
C GLU A 769 -12.32 5.98 -19.39
N PRO A 770 -12.59 4.96 -20.23
CA PRO A 770 -12.17 3.61 -19.91
C PRO A 770 -10.68 3.38 -20.17
N VAL A 771 -9.99 2.90 -19.15
CA VAL A 771 -8.80 2.06 -19.29
C VAL A 771 -9.29 0.67 -19.76
N LEU A 772 -8.44 -0.28 -20.10
CA LEU A 772 -8.90 -1.60 -20.57
C LEU A 772 -8.18 -2.77 -19.92
N LEU A 773 -8.92 -3.82 -19.56
CA LEU A 773 -8.42 -5.04 -18.90
C LEU A 773 -8.62 -6.24 -19.81
N ILE A 774 -7.65 -7.16 -19.88
CA ILE A 774 -7.77 -8.42 -20.62
C ILE A 774 -7.38 -9.62 -19.75
N SER A 775 -8.19 -10.68 -19.80
CA SER A 775 -8.16 -11.93 -19.01
C SER A 775 -8.44 -13.14 -19.91
N ASN A 776 -8.18 -14.37 -19.44
CA ASN A 776 -8.21 -15.59 -20.27
C ASN A 776 -8.53 -16.86 -19.48
N LYS A 777 -9.79 -17.31 -19.39
CA LYS A 777 -10.17 -18.47 -18.55
C LYS A 777 -9.69 -18.35 -17.08
N ASN A 778 -9.61 -17.12 -16.61
CA ASN A 778 -9.07 -16.67 -15.32
C ASN A 778 -9.94 -17.07 -14.13
N ALA A 779 -9.46 -16.92 -12.91
CA ALA A 779 -10.23 -17.11 -11.68
C ALA A 779 -11.54 -16.29 -11.59
N ASN A 780 -11.62 -15.13 -12.26
CA ASN A 780 -12.85 -14.31 -12.35
C ASN A 780 -13.61 -14.46 -13.69
N TYR A 781 -13.13 -15.25 -14.65
CA TYR A 781 -13.67 -15.26 -16.01
C TYR A 781 -15.15 -15.63 -16.08
N GLU A 782 -15.60 -16.63 -15.31
CA GLU A 782 -17.00 -17.04 -15.30
C GLU A 782 -17.91 -15.93 -14.75
N ARG A 783 -17.55 -15.36 -13.60
CA ARG A 783 -18.29 -14.27 -12.95
C ARG A 783 -18.39 -13.04 -13.85
N PHE A 784 -17.29 -12.62 -14.47
CA PHE A 784 -17.29 -11.49 -15.39
C PHE A 784 -18.12 -11.81 -16.64
N SER A 785 -17.90 -12.95 -17.29
CA SER A 785 -18.64 -13.31 -18.50
C SER A 785 -20.15 -13.38 -18.25
N LYS A 786 -20.58 -13.96 -17.12
CA LYS A 786 -22.00 -14.08 -16.76
C LYS A 786 -22.70 -12.74 -16.56
N LYS A 787 -22.08 -11.78 -15.86
CA LYS A 787 -22.70 -10.48 -15.62
C LYS A 787 -22.53 -9.50 -16.77
N LEU A 788 -21.39 -9.50 -17.46
CA LEU A 788 -21.11 -8.50 -18.49
C LEU A 788 -21.72 -8.84 -19.84
N TYR A 789 -21.57 -10.08 -20.34
CA TYR A 789 -21.87 -10.43 -21.72
C TYR A 789 -23.10 -11.33 -21.93
N SER A 790 -23.39 -12.30 -21.07
CA SER A 790 -24.67 -13.04 -21.15
C SER A 790 -25.80 -12.24 -20.48
N LYS A 791 -26.23 -11.18 -21.16
CA LYS A 791 -26.96 -10.06 -20.52
C LYS A 791 -28.47 -10.24 -20.44
N GLU A 792 -29.06 -9.47 -19.52
CA GLU A 792 -30.51 -9.34 -19.33
C GLU A 792 -31.20 -8.62 -20.50
N ASN A 793 -30.55 -7.57 -21.02
CA ASN A 793 -31.03 -6.70 -22.10
C ASN A 793 -29.85 -6.22 -22.96
N ASN A 794 -30.12 -5.80 -24.20
CA ASN A 794 -29.10 -5.28 -25.13
C ASN A 794 -28.69 -3.84 -24.81
N ASN A 795 -27.99 -3.65 -23.69
CA ASN A 795 -27.39 -2.39 -23.27
C ASN A 795 -25.96 -2.62 -22.71
N ASN A 796 -25.34 -1.59 -22.14
CA ASN A 796 -24.07 -1.65 -21.42
C ASN A 796 -24.20 -1.05 -20.00
N ASN A 797 -25.36 -1.21 -19.36
CA ASN A 797 -25.72 -0.52 -18.13
C ASN A 797 -24.96 -1.00 -16.89
N VAL A 798 -24.92 -2.32 -16.63
CA VAL A 798 -24.39 -2.87 -15.36
C VAL A 798 -22.86 -3.08 -15.36
N VAL A 799 -22.30 -3.12 -14.16
CA VAL A 799 -20.87 -3.01 -13.86
C VAL A 799 -20.49 -3.95 -12.70
N VAL A 800 -19.27 -4.48 -12.69
CA VAL A 800 -18.78 -5.42 -11.66
C VAL A 800 -17.63 -4.80 -10.88
N LYS A 801 -17.73 -4.72 -9.56
CA LYS A 801 -16.64 -4.30 -8.66
C LYS A 801 -15.98 -5.53 -8.06
N PHE A 802 -14.66 -5.60 -8.05
CA PHE A 802 -13.91 -6.75 -7.55
C PHE A 802 -12.70 -6.36 -6.71
N GLN A 803 -12.28 -7.27 -5.85
CA GLN A 803 -11.41 -7.01 -4.70
C GLN A 803 -10.18 -7.92 -4.71
N HIS A 804 -9.11 -7.52 -4.04
CA HIS A 804 -7.78 -8.06 -4.27
C HIS A 804 -7.63 -9.55 -4.00
N PHE A 805 -8.38 -10.12 -3.07
CA PHE A 805 -8.11 -11.46 -2.55
C PHE A 805 -8.24 -12.59 -3.58
N LYS A 806 -9.26 -12.56 -4.44
CA LYS A 806 -9.57 -13.70 -5.32
C LYS A 806 -8.55 -13.91 -6.43
N SER A 807 -7.93 -12.85 -6.94
CA SER A 807 -7.04 -12.94 -8.10
C SER A 807 -5.78 -12.09 -8.07
N GLY A 808 -5.61 -11.20 -7.10
CA GLY A 808 -4.43 -10.35 -7.00
C GLY A 808 -4.56 -8.97 -7.63
N LEU A 809 -5.77 -8.52 -7.91
CA LEU A 809 -6.08 -7.23 -8.51
C LEU A 809 -7.44 -6.78 -8.01
N SER A 810 -7.69 -5.48 -7.92
CA SER A 810 -8.97 -4.88 -7.63
C SER A 810 -9.33 -3.84 -8.68
N GLY A 811 -10.61 -3.51 -8.80
CA GLY A 811 -11.06 -2.55 -9.79
C GLY A 811 -12.56 -2.60 -10.03
N ILE A 812 -13.01 -1.85 -11.01
CA ILE A 812 -14.39 -1.81 -11.48
C ILE A 812 -14.38 -2.09 -12.99
N VAL A 813 -15.30 -2.91 -13.46
CA VAL A 813 -15.25 -3.50 -14.81
C VAL A 813 -16.62 -3.43 -15.49
N SER A 814 -16.64 -3.09 -16.77
CA SER A 814 -17.85 -3.01 -17.60
C SER A 814 -17.59 -3.57 -19.00
N LYS A 815 -18.65 -3.81 -19.78
CA LYS A 815 -18.50 -4.33 -21.15
C LYS A 815 -17.54 -3.45 -21.93
N ASP A 816 -16.75 -4.03 -22.82
CA ASP A 816 -15.85 -3.23 -23.66
C ASP A 816 -16.65 -2.36 -24.65
N VAL A 817 -16.16 -1.14 -24.90
CA VAL A 817 -16.77 -0.17 -25.83
C VAL A 817 -16.19 -0.25 -27.24
N GLU A 818 -15.05 -0.92 -27.43
CA GLU A 818 -14.38 -1.13 -28.72
C GLU A 818 -15.12 -2.16 -29.63
N GLY A 819 -16.21 -2.76 -29.18
CA GLY A 819 -17.00 -3.71 -29.97
C GLY A 819 -16.57 -5.18 -29.88
N PHE A 820 -15.88 -5.58 -28.81
CA PHE A 820 -15.52 -6.98 -28.53
C PHE A 820 -16.75 -7.84 -28.25
N GLU A 821 -16.76 -9.09 -28.70
CA GLU A 821 -17.83 -10.08 -28.49
C GLU A 821 -17.25 -11.49 -28.36
N LEU A 822 -17.98 -12.41 -27.70
CA LEU A 822 -17.49 -13.72 -27.25
C LEU A 822 -17.13 -14.73 -28.36
N ASN A 823 -17.62 -14.55 -29.59
CA ASN A 823 -17.36 -15.47 -30.71
C ASN A 823 -16.77 -14.78 -31.95
N GLY A 824 -16.21 -13.59 -31.78
CA GLY A 824 -15.58 -12.83 -32.84
C GLY A 824 -14.14 -13.24 -33.15
N LYS A 825 -13.53 -12.52 -34.10
CA LYS A 825 -12.18 -12.69 -34.61
C LYS A 825 -11.28 -11.52 -34.19
N ILE A 826 -10.06 -11.81 -33.75
CA ILE A 826 -9.01 -10.81 -33.56
C ILE A 826 -7.95 -10.98 -34.64
N VAL A 827 -7.52 -9.90 -35.31
CA VAL A 827 -6.50 -9.95 -36.37
C VAL A 827 -5.51 -8.80 -36.25
N CYS A 828 -4.22 -9.04 -36.42
CA CYS A 828 -3.22 -8.02 -36.12
C CYS A 828 -3.20 -6.88 -37.15
N PRO A 829 -2.78 -5.67 -36.76
CA PRO A 829 -2.69 -4.53 -37.64
C PRO A 829 -1.34 -4.40 -38.37
N ILE A 830 -0.35 -5.26 -38.08
CA ILE A 830 1.01 -5.15 -38.64
C ILE A 830 1.39 -6.35 -39.50
N GLN A 831 2.26 -6.14 -40.49
CA GLN A 831 2.59 -7.10 -41.55
C GLN A 831 3.82 -7.99 -41.25
N GLY A 832 4.04 -8.35 -39.98
CA GLY A 832 5.17 -9.17 -39.50
C GLY A 832 4.95 -10.68 -39.54
N GLY A 833 3.81 -11.17 -40.03
CA GLY A 833 3.50 -12.61 -40.13
C GLY A 833 3.05 -13.24 -38.80
N SER A 834 1.93 -12.75 -38.26
CA SER A 834 1.36 -13.16 -36.97
C SER A 834 -0.09 -13.65 -37.09
N LEU A 835 -0.50 -14.54 -36.20
CA LEU A 835 -1.77 -15.25 -36.23
C LEU A 835 -2.98 -14.32 -36.09
N PRO A 836 -4.04 -14.44 -36.91
CA PRO A 836 -5.35 -13.91 -36.57
C PRO A 836 -5.98 -14.84 -35.52
N ASN A 837 -5.86 -14.49 -34.23
CA ASN A 837 -6.02 -15.47 -33.14
C ASN A 837 -7.39 -16.13 -33.04
N LEU A 838 -8.47 -15.52 -33.57
CA LEU A 838 -9.84 -16.06 -33.50
C LEU A 838 -10.30 -16.40 -32.07
N SER A 839 -9.62 -15.81 -31.09
CA SER A 839 -9.51 -16.35 -29.74
C SER A 839 -10.41 -15.67 -28.74
N THR A 840 -11.43 -14.93 -29.17
CA THR A 840 -12.46 -14.42 -28.25
C THR A 840 -13.15 -15.52 -27.44
N THR A 841 -12.99 -16.79 -27.84
CA THR A 841 -13.37 -17.94 -27.02
C THR A 841 -12.40 -18.18 -25.85
N LEU A 842 -11.11 -17.88 -25.99
CA LEU A 842 -10.07 -18.05 -24.96
C LEU A 842 -9.95 -16.85 -24.02
N ILE A 843 -10.33 -15.66 -24.47
CA ILE A 843 -10.03 -14.36 -23.84
C ILE A 843 -11.32 -13.61 -23.50
N LEU A 844 -11.26 -12.75 -22.50
CA LEU A 844 -12.23 -11.71 -22.22
C LEU A 844 -11.50 -10.37 -22.19
N LYS A 845 -12.02 -9.33 -22.81
CA LYS A 845 -11.61 -7.94 -22.54
C LYS A 845 -12.78 -7.05 -22.24
N MET A 846 -12.51 -6.06 -21.39
CA MET A 846 -13.52 -5.28 -20.70
C MET A 846 -12.99 -3.87 -20.49
N SER A 847 -13.88 -2.89 -20.39
CA SER A 847 -13.48 -1.58 -19.91
C SER A 847 -13.18 -1.66 -18.42
N TYR A 848 -12.12 -0.99 -17.97
CA TYR A 848 -11.57 -1.06 -16.63
C TYR A 848 -11.46 0.33 -16.02
N ARG A 849 -11.66 0.43 -14.71
CA ARG A 849 -11.67 1.68 -13.94
C ARG A 849 -11.12 1.41 -12.55
N LEU A 850 -10.37 2.34 -11.98
CA LEU A 850 -9.86 2.22 -10.62
C LEU A 850 -10.99 2.40 -9.60
N ILE A 851 -10.92 1.73 -8.45
CA ILE A 851 -11.76 2.07 -7.31
C ILE A 851 -11.22 3.40 -6.73
N PRO A 852 -12.04 4.45 -6.61
CA PRO A 852 -11.58 5.75 -6.13
C PRO A 852 -11.21 5.67 -4.64
N LEU A 853 -10.21 6.44 -4.20
CA LEU A 853 -9.70 6.37 -2.83
C LEU A 853 -10.78 6.75 -1.80
N PRO A 854 -10.92 6.00 -0.69
CA PRO A 854 -11.88 6.31 0.37
C PRO A 854 -11.43 7.46 1.28
N SER A 855 -10.13 7.75 1.30
CA SER A 855 -9.44 8.70 2.17
C SER A 855 -8.09 9.06 1.53
N ARG A 856 -7.41 10.12 1.98
CA ARG A 856 -6.05 10.41 1.53
C ARG A 856 -5.10 9.25 1.84
N ASN A 857 -4.24 8.90 0.89
CA ASN A 857 -3.22 7.89 1.08
C ASN A 857 -2.21 8.33 2.16
N LYS A 858 -1.79 7.43 3.05
CA LYS A 858 -0.88 7.72 4.16
C LYS A 858 0.51 7.16 3.91
N SER A 859 1.55 7.96 4.13
CA SER A 859 2.93 7.47 4.15
C SER A 859 3.21 6.67 5.43
N ILE A 860 2.78 5.41 5.43
CA ILE A 860 2.96 4.44 6.52
C ILE A 860 3.20 3.04 5.93
N ILE A 861 3.84 2.17 6.70
CA ILE A 861 3.86 0.74 6.44
C ILE A 861 2.55 0.09 6.91
N LEU A 862 2.00 -0.82 6.11
CA LEU A 862 0.71 -1.48 6.37
C LEU A 862 0.83 -2.60 7.40
N ASN A 863 -0.31 -3.04 7.95
CA ASN A 863 -0.30 -4.17 8.85
C ASN A 863 0.13 -5.47 8.16
N GLY A 864 0.98 -6.27 8.78
CA GLY A 864 1.38 -7.58 8.28
C GLY A 864 2.53 -7.58 7.27
N PHE A 865 3.18 -6.45 7.03
CA PHE A 865 4.39 -6.42 6.20
C PHE A 865 5.50 -7.21 6.87
N ILE A 866 6.09 -8.20 6.20
CA ILE A 866 7.24 -8.95 6.65
C ILE A 866 8.45 -8.47 5.84
N PRO A 867 9.54 -8.00 6.42
CA PRO A 867 10.68 -7.56 5.64
C PRO A 867 11.42 -8.74 4.99
N SER A 868 12.32 -8.46 4.06
CA SER A 868 13.29 -9.42 3.53
C SER A 868 14.47 -9.60 4.47
N GLU A 869 15.46 -10.42 4.14
CA GLU A 869 16.72 -10.40 4.89
C GLU A 869 17.42 -9.06 4.75
N PRO A 870 17.91 -8.43 5.83
CA PRO A 870 18.74 -7.26 5.71
C PRO A 870 20.08 -7.59 5.04
N VAL A 871 20.53 -6.71 4.17
CA VAL A 871 21.73 -6.83 3.31
C VAL A 871 22.92 -6.10 3.92
N LEU A 872 22.70 -4.95 4.55
CA LEU A 872 23.75 -4.10 5.09
C LEU A 872 24.32 -4.67 6.40
N THR A 873 25.65 -4.77 6.49
CA THR A 873 26.35 -5.11 7.74
C THR A 873 26.60 -3.86 8.59
N ALA A 874 26.96 -4.01 9.86
CA ALA A 874 27.13 -2.86 10.77
C ALA A 874 28.11 -1.80 10.24
N TYR A 875 29.18 -2.22 9.56
CA TYR A 875 30.13 -1.30 8.92
C TYR A 875 29.53 -0.52 7.75
N ASP A 876 28.56 -1.07 7.02
CA ASP A 876 27.84 -0.32 5.97
C ASP A 876 27.00 0.80 6.58
N LEU A 877 26.41 0.58 7.76
CA LEU A 877 25.62 1.59 8.47
C LEU A 877 26.53 2.65 9.13
N ASP A 878 27.58 2.23 9.84
CA ASP A 878 28.51 3.18 10.48
C ASP A 878 29.26 4.04 9.46
N SER A 879 29.75 3.46 8.36
CA SER A 879 30.43 4.24 7.31
C SER A 879 29.50 5.25 6.63
N ILE A 880 28.18 5.03 6.65
CA ILE A 880 27.19 6.01 6.20
C ILE A 880 26.91 7.07 7.26
N MET A 881 26.70 6.70 8.53
CA MET A 881 26.45 7.68 9.60
C MET A 881 27.58 8.71 9.73
N TYR A 882 28.83 8.28 9.51
CA TYR A 882 30.03 9.10 9.70
C TYR A 882 30.74 9.50 8.38
N LYS A 883 30.06 9.32 7.23
CA LYS A 883 30.53 9.72 5.88
C LYS A 883 31.93 9.21 5.51
N TYR A 884 32.26 7.96 5.84
CA TYR A 884 33.60 7.38 5.66
C TYR A 884 33.94 7.05 4.20
N ASN A 885 34.31 8.07 3.43
CA ASN A 885 35.23 7.87 2.30
C ASN A 885 36.59 7.47 2.92
N ARG A 892 37.80 2.27 -3.71
CA ARG A 892 36.59 2.54 -4.51
C ARG A 892 36.29 1.33 -5.39
N TRP A 893 35.02 1.06 -5.67
CA TRP A 893 34.62 -0.12 -6.46
C TRP A 893 34.99 0.08 -7.94
N ASN A 894 35.52 -0.97 -8.58
CA ASN A 894 35.60 -1.07 -10.03
C ASN A 894 34.23 -1.57 -10.54
N PHE A 895 33.24 -0.69 -10.44
CA PHE A 895 31.84 -1.09 -10.28
C PHE A 895 31.28 -1.92 -11.43
N GLY A 896 31.72 -1.71 -12.68
CA GLY A 896 31.32 -2.53 -13.82
C GLY A 896 31.65 -4.02 -13.67
N ASN A 897 32.68 -4.36 -12.89
CA ASN A 897 33.04 -5.73 -12.54
C ASN A 897 32.56 -6.12 -11.12
N ASP A 898 32.80 -5.29 -10.12
CA ASP A 898 32.49 -5.59 -8.71
C ASP A 898 30.97 -5.78 -8.46
N LEU A 899 30.11 -5.16 -9.27
CA LEU A 899 28.66 -5.31 -9.21
C LEU A 899 28.18 -6.77 -9.27
N LYS A 900 28.87 -7.66 -9.99
CA LYS A 900 28.45 -9.07 -10.11
C LYS A 900 28.54 -9.86 -8.79
N GLN A 901 29.22 -9.33 -7.77
CA GLN A 901 29.24 -9.92 -6.42
C GLN A 901 27.94 -9.68 -5.64
N ASN A 902 27.12 -8.68 -6.00
CA ASN A 902 25.83 -8.44 -5.35
C ASN A 902 24.78 -9.44 -5.84
N ILE A 903 24.22 -10.21 -4.91
CA ILE A 903 22.91 -10.82 -5.06
C ILE A 903 22.18 -10.71 -3.73
N VAL A 904 20.87 -10.44 -3.77
CA VAL A 904 20.08 -10.14 -2.57
C VAL A 904 18.72 -10.85 -2.62
N PRO A 905 18.21 -11.36 -1.49
CA PRO A 905 16.95 -12.08 -1.48
C PRO A 905 15.76 -11.15 -1.70
N VAL A 906 14.68 -11.70 -2.22
CA VAL A 906 13.47 -10.97 -2.58
C VAL A 906 12.25 -11.57 -1.88
N GLY A 907 11.27 -10.73 -1.56
CA GLY A 907 10.05 -11.15 -0.89
C GLY A 907 10.18 -11.28 0.63
N PRO A 908 9.09 -11.63 1.30
CA PRO A 908 9.04 -11.71 2.75
C PRO A 908 9.93 -12.84 3.26
N LYS A 909 10.71 -12.61 4.32
CA LYS A 909 11.52 -13.64 4.98
C LYS A 909 10.95 -13.98 6.33
N GLY A 910 10.70 -15.27 6.58
CA GLY A 910 9.97 -15.71 7.75
C GLY A 910 8.48 -15.47 7.59
N ILE A 911 7.75 -15.49 8.71
CA ILE A 911 6.29 -15.47 8.72
C ILE A 911 5.72 -14.55 9.80
N THR A 912 6.57 -13.76 10.45
CA THR A 912 6.24 -12.88 11.58
C THR A 912 6.65 -11.45 11.31
N GLN A 913 5.81 -10.53 11.71
CA GLN A 913 5.93 -9.11 11.44
C GLN A 913 7.02 -8.42 12.27
N TYR A 914 7.52 -9.03 13.35
CA TYR A 914 8.37 -8.43 14.36
C TYR A 914 9.75 -9.09 14.49
N LYS A 915 10.81 -8.33 14.79
CA LYS A 915 12.14 -8.89 15.11
C LYS A 915 12.14 -9.58 16.46
N PRO A 916 12.97 -10.61 16.71
CA PRO A 916 13.31 -11.01 18.05
C PRO A 916 13.97 -9.88 18.82
N ARG A 917 13.57 -9.65 20.07
CA ARG A 917 14.11 -8.62 20.97
C ARG A 917 14.17 -9.20 22.37
N THR A 918 15.15 -8.85 23.20
CA THR A 918 15.24 -9.45 24.54
C THR A 918 14.04 -9.08 25.39
N GLY A 919 13.55 -10.02 26.20
CA GLY A 919 12.30 -9.85 26.92
C GLY A 919 11.10 -10.34 26.12
N GLY A 920 11.18 -11.54 25.56
CA GLY A 920 10.09 -12.15 24.81
C GLY A 920 10.29 -13.65 24.78
N TYR A 921 9.23 -14.44 24.85
CA TYR A 921 9.35 -15.88 25.01
C TYR A 921 10.09 -16.54 23.85
N ARG A 922 9.66 -16.30 22.63
CA ARG A 922 10.25 -16.90 21.44
C ARG A 922 11.64 -16.32 21.19
N ALA A 923 11.83 -15.04 21.47
CA ALA A 923 13.14 -14.42 21.44
C ALA A 923 14.14 -15.00 22.45
N PHE A 924 13.72 -15.48 23.62
CA PHE A 924 14.64 -16.04 24.61
C PHE A 924 15.39 -17.25 24.09
N PHE A 925 14.70 -18.18 23.44
CA PHE A 925 15.33 -19.35 22.83
C PHE A 925 16.16 -18.99 21.60
N TYR A 926 15.72 -18.00 20.81
CA TYR A 926 16.50 -17.51 19.68
C TYR A 926 17.87 -17.00 20.12
N PHE A 927 17.95 -16.05 21.04
CA PHE A 927 19.23 -15.53 21.51
C PHE A 927 20.05 -16.56 22.29
N ALA A 928 19.42 -17.51 22.99
CA ALA A 928 20.15 -18.60 23.63
C ALA A 928 20.83 -19.50 22.59
N GLU A 929 20.11 -19.95 21.55
CA GLU A 929 20.67 -20.78 20.46
C GLU A 929 21.73 -20.03 19.64
N LEU A 930 21.56 -18.73 19.44
CA LEU A 930 22.52 -17.87 18.73
C LEU A 930 23.84 -17.63 19.52
N SER A 931 23.85 -17.83 20.84
CA SER A 931 25.01 -17.57 21.68
C SER A 931 26.18 -18.54 21.45
N ASP B 6 4.42 -39.71 22.00
CA ASP B 6 3.03 -39.51 21.62
C ASP B 6 2.87 -38.45 20.52
N ASN B 7 2.50 -38.90 19.31
CA ASN B 7 2.28 -38.03 18.15
C ASN B 7 0.87 -37.39 18.10
N ILE B 8 -0.09 -37.79 18.94
CA ILE B 8 -1.48 -37.28 18.88
C ILE B 8 -1.55 -35.85 19.43
N ILE B 9 -2.35 -34.99 18.80
CA ILE B 9 -2.54 -33.56 19.12
C ILE B 9 -4.00 -33.18 18.78
N PRO B 10 -4.64 -32.23 19.48
CA PRO B 10 -5.98 -31.75 19.16
C PRO B 10 -6.17 -31.31 17.71
N THR B 11 -7.35 -31.58 17.15
CA THR B 11 -7.75 -31.21 15.78
C THR B 11 -9.26 -30.94 15.71
N TYR B 12 -9.73 -30.27 14.67
CA TYR B 12 -11.16 -30.14 14.38
C TYR B 12 -11.67 -31.26 13.47
N GLU B 13 -12.95 -31.59 13.57
CA GLU B 13 -13.67 -32.54 12.72
C GLU B 13 -14.80 -31.86 11.96
N VAL B 14 -15.13 -32.34 10.76
CA VAL B 14 -16.19 -31.78 9.91
C VAL B 14 -17.55 -31.90 10.61
N GLY B 15 -18.33 -30.81 10.63
CA GLY B 15 -19.66 -30.76 11.24
C GLY B 15 -20.74 -31.54 10.47
N ASP B 16 -21.95 -31.58 11.02
CA ASP B 16 -23.06 -32.40 10.50
C ASP B 16 -23.70 -31.87 9.20
N GLY B 17 -23.32 -30.66 8.75
CA GLY B 17 -23.70 -30.09 7.46
C GLY B 17 -25.09 -29.45 7.39
N ASP B 18 -25.88 -29.50 8.47
CA ASP B 18 -27.26 -28.99 8.53
C ASP B 18 -27.34 -27.49 8.21
N MET C 1 -36.46 -35.58 46.56
CA MET C 1 -36.84 -36.28 45.32
C MET C 1 -35.95 -35.90 44.13
N GLY C 2 -35.67 -34.61 43.89
CA GLY C 2 -34.94 -34.17 42.70
C GLY C 2 -33.43 -34.44 42.70
N VAL C 3 -32.77 -34.06 41.59
CA VAL C 3 -31.38 -34.43 41.27
C VAL C 3 -30.34 -33.90 42.25
N SER C 4 -29.42 -34.77 42.64
CA SER C 4 -28.14 -34.42 43.24
C SER C 4 -27.05 -35.33 42.65
N ALA C 5 -25.89 -34.79 42.26
CA ALA C 5 -24.81 -35.56 41.64
C ALA C 5 -23.44 -34.92 41.82
N ASN C 6 -22.38 -35.74 41.82
CA ASN C 6 -20.99 -35.31 41.91
C ASN C 6 -20.15 -35.95 40.79
N LEU C 7 -19.21 -35.22 40.20
CA LEU C 7 -18.21 -35.74 39.25
C LEU C 7 -16.79 -35.56 39.80
N PHE C 8 -15.97 -36.60 39.76
CA PHE C 8 -14.56 -36.49 40.15
C PHE C 8 -13.75 -35.78 39.07
N VAL C 9 -13.01 -34.75 39.46
CA VAL C 9 -12.35 -33.82 38.53
C VAL C 9 -11.13 -34.42 37.81
N LYS C 10 -10.52 -35.49 38.34
CA LYS C 10 -9.37 -36.16 37.69
C LYS C 10 -9.71 -37.41 36.88
N GLN C 11 -10.98 -37.81 36.82
CA GLN C 11 -11.49 -38.82 35.88
C GLN C 11 -11.53 -38.21 34.47
N ARG C 12 -11.19 -38.94 33.39
CA ARG C 12 -11.18 -38.38 32.02
C ARG C 12 -11.72 -39.34 30.96
N GLY C 13 -12.29 -38.77 29.89
CA GLY C 13 -12.98 -39.50 28.82
C GLY C 13 -12.09 -39.85 27.64
N SER C 14 -12.68 -39.94 26.44
CA SER C 14 -12.02 -40.48 25.24
C SER C 14 -12.00 -39.54 24.04
N THR C 15 -12.76 -38.43 24.04
CA THR C 15 -12.84 -37.48 22.91
C THR C 15 -11.57 -36.66 22.75
N THR C 16 -11.06 -36.50 21.53
CA THR C 16 -9.83 -35.74 21.24
C THR C 16 -9.98 -34.72 20.12
N ALA C 17 -11.20 -34.36 19.74
CA ALA C 17 -11.47 -33.39 18.69
C ALA C 17 -12.80 -32.64 18.90
N LEU C 18 -12.92 -31.46 18.30
CA LEU C 18 -14.10 -30.59 18.35
C LEU C 18 -14.72 -30.50 16.97
N LYS C 19 -16.04 -30.40 16.87
CA LYS C 19 -16.70 -30.10 15.59
C LYS C 19 -16.37 -28.66 15.16
N GLN C 20 -15.93 -28.47 13.92
CA GLN C 20 -15.41 -27.21 13.39
C GLN C 20 -16.30 -26.00 13.76
N PRO C 21 -15.81 -25.01 14.51
CA PRO C 21 -16.56 -23.83 14.89
C PRO C 21 -17.16 -23.06 13.70
N LYS C 22 -18.41 -22.61 13.82
CA LYS C 22 -19.10 -21.76 12.83
C LYS C 22 -19.84 -20.62 13.49
N GLU C 23 -19.79 -19.42 12.92
CA GLU C 23 -20.37 -18.22 13.50
C GLU C 23 -21.87 -18.10 13.19
N ILE C 24 -22.75 -18.23 14.20
CA ILE C 24 -24.20 -18.03 14.08
C ILE C 24 -24.54 -16.57 13.80
N GLY C 25 -23.84 -15.65 14.45
CA GLY C 25 -24.13 -14.23 14.44
C GLY C 25 -23.21 -13.50 15.41
N PHE C 26 -23.54 -12.26 15.73
CA PHE C 26 -22.76 -11.43 16.63
C PHE C 26 -23.61 -10.31 17.21
N TYR C 27 -23.12 -9.68 18.25
CA TYR C 27 -23.68 -8.47 18.81
C TYR C 27 -22.59 -7.62 19.42
N SER C 28 -22.86 -6.35 19.64
CA SER C 28 -21.99 -5.49 20.44
C SER C 28 -22.75 -4.96 21.63
N ARG C 29 -22.08 -4.85 22.78
CA ARG C 29 -22.67 -4.33 24.00
C ARG C 29 -22.16 -2.93 24.25
N THR C 30 -23.07 -1.98 24.41
CA THR C 30 -22.74 -0.59 24.74
C THR C 30 -22.36 -0.42 26.21
N LYS C 31 -21.69 0.68 26.54
CA LYS C 31 -21.44 1.14 27.92
C LYS C 31 -22.71 1.39 28.74
N ASP C 32 -23.89 1.41 28.12
CA ASP C 32 -25.20 1.58 28.76
C ASP C 32 -25.97 0.25 28.94
N GLU C 33 -25.32 -0.90 28.78
CA GLU C 33 -25.91 -2.24 28.74
C GLU C 33 -26.95 -2.47 27.64
N GLU C 34 -27.08 -1.57 26.67
CA GLU C 34 -27.87 -1.87 25.47
C GLU C 34 -27.09 -2.86 24.61
N TYR C 35 -27.78 -3.88 24.09
CA TYR C 35 -27.23 -4.89 23.19
C TYR C 35 -27.66 -4.60 21.76
N LEU C 36 -26.70 -4.52 20.86
CA LEU C 36 -26.90 -4.21 19.45
C LEU C 36 -26.67 -5.48 18.64
N ILE C 37 -27.71 -6.30 18.48
CA ILE C 37 -27.61 -7.55 17.74
C ILE C 37 -27.37 -7.30 16.26
N SER C 38 -26.55 -8.12 15.63
CA SER C 38 -26.09 -7.96 14.24
C SER C 38 -25.41 -6.62 13.96
N ASP C 39 -24.84 -5.97 14.97
CA ASP C 39 -24.13 -4.69 14.86
C ASP C 39 -22.70 -4.79 15.41
N ASP C 40 -21.73 -4.24 14.69
CA ASP C 40 -20.31 -4.44 14.93
C ASP C 40 -19.52 -3.15 15.21
N THR C 41 -20.15 -2.11 15.77
CA THR C 41 -19.48 -0.86 16.11
C THR C 41 -18.28 -1.04 17.04
N ASN C 42 -18.28 -2.11 17.85
CA ASN C 42 -17.23 -2.38 18.84
C ASN C 42 -16.12 -3.31 18.31
N LEU C 43 -16.19 -3.80 17.07
CA LEU C 43 -15.12 -4.59 16.49
C LEU C 43 -13.93 -3.69 16.14
N ASN C 44 -12.77 -3.92 16.75
CA ASN C 44 -11.54 -3.21 16.45
C ASN C 44 -10.76 -3.90 15.34
N TYR C 45 -9.79 -3.20 14.75
CA TYR C 45 -8.90 -3.67 13.70
C TYR C 45 -7.46 -3.56 14.20
N TYR C 46 -6.63 -4.57 13.99
CA TYR C 46 -5.26 -4.54 14.51
C TYR C 46 -4.37 -3.59 13.72
N TYR C 47 -3.50 -2.83 14.38
CA TYR C 47 -2.42 -2.08 13.73
C TYR C 47 -1.35 -1.67 14.72
N LEU C 48 -0.14 -2.24 14.61
CA LEU C 48 1.00 -1.91 15.46
C LEU C 48 2.30 -2.30 14.74
N PRO C 49 2.91 -1.39 13.97
CA PRO C 49 4.13 -1.66 13.22
C PRO C 49 5.31 -2.01 14.10
N ASP C 50 6.28 -2.76 13.59
CA ASP C 50 7.46 -3.16 14.36
C ASP C 50 8.26 -1.96 14.89
N ALA C 51 8.31 -0.86 14.16
CA ALA C 51 8.96 0.38 14.58
C ALA C 51 8.39 0.94 15.90
N GLU C 52 7.14 0.66 16.24
CA GLU C 52 6.56 1.12 17.51
C GLU C 52 7.20 0.48 18.73
N LEU C 53 7.84 -0.67 18.58
CA LEU C 53 8.46 -1.36 19.68
C LEU C 53 9.83 -0.76 20.06
N ASP C 54 10.40 0.08 19.20
CA ASP C 54 11.63 0.82 19.52
C ASP C 54 11.34 1.98 20.47
N ARG C 55 10.17 2.61 20.34
CA ARG C 55 9.66 3.65 21.23
C ARG C 55 9.30 3.04 22.58
N LYS C 56 9.59 3.71 23.69
CA LYS C 56 9.36 3.15 25.05
C LYS C 56 7.91 3.37 25.49
N LEU C 57 6.94 2.76 24.80
CA LEU C 57 5.51 2.92 25.07
C LEU C 57 5.16 2.46 26.50
N ASP C 58 4.47 3.29 27.28
CA ASP C 58 4.21 3.02 28.69
C ASP C 58 2.78 2.56 28.92
N LEU C 59 2.63 1.31 29.36
CA LEU C 59 1.34 0.67 29.57
C LEU C 59 0.65 1.10 30.88
N SER C 60 1.29 1.87 31.75
CA SER C 60 0.65 2.47 32.94
C SER C 60 0.00 3.83 32.66
N SER C 61 0.31 4.47 31.53
CA SER C 61 -0.10 5.84 31.25
C SER C 61 -1.60 5.98 31.07
N GLY C 62 -2.25 6.86 31.82
CA GLY C 62 -3.70 7.09 31.77
C GLY C 62 -4.51 6.24 32.75
N PHE C 63 -3.88 5.50 33.65
CA PHE C 63 -4.56 4.65 34.64
C PHE C 63 -5.60 5.42 35.47
N GLN C 64 -5.32 6.66 35.85
CA GLN C 64 -6.23 7.48 36.66
C GLN C 64 -7.52 7.91 35.92
N LYS C 65 -7.54 7.86 34.59
CA LYS C 65 -8.71 8.19 33.77
C LYS C 65 -9.37 6.98 33.10
N PHE C 66 -9.09 5.77 33.58
CA PHE C 66 -9.70 4.52 33.12
C PHE C 66 -11.22 4.50 33.34
N LYS C 67 -11.99 4.25 32.29
CA LYS C 67 -13.46 4.14 32.34
C LYS C 67 -13.90 2.69 32.45
N ASP C 68 -13.90 2.16 33.67
CA ASP C 68 -14.34 0.80 33.96
C ASP C 68 -15.87 0.74 34.08
N TYR C 69 -16.60 0.76 32.95
CA TYR C 69 -18.07 0.72 32.95
C TYR C 69 -18.63 -0.58 33.51
N TYR C 70 -17.91 -1.68 33.35
CA TYR C 70 -18.37 -3.03 33.68
C TYR C 70 -18.78 -3.21 35.14
N LYS C 71 -18.14 -2.50 36.09
CA LYS C 71 -18.52 -2.54 37.51
C LYS C 71 -19.97 -2.14 37.76
N ASP C 72 -20.48 -1.17 37.00
CA ASP C 72 -21.75 -0.52 37.28
C ASP C 72 -22.95 -1.24 36.68
N PHE C 73 -22.74 -2.28 35.87
CA PHE C 73 -23.80 -3.03 35.19
C PHE C 73 -24.71 -3.77 36.18
N GLU C 74 -26.01 -3.78 35.91
CA GLU C 74 -27.01 -4.42 36.78
C GLU C 74 -26.97 -5.95 36.71
N ASP C 75 -26.58 -6.54 35.58
CA ASP C 75 -26.46 -7.97 35.36
C ASP C 75 -25.21 -8.27 34.52
N ARG C 76 -24.02 -8.24 35.17
CA ARG C 76 -22.72 -8.30 34.48
C ARG C 76 -22.57 -9.48 33.54
N CYS C 77 -23.06 -10.64 33.94
CA CYS C 77 -22.92 -11.91 33.22
C CYS C 77 -24.19 -12.32 32.44
N SER C 78 -25.08 -11.38 32.11
CA SER C 78 -26.39 -11.71 31.53
C SER C 78 -26.30 -12.48 30.20
N LEU C 79 -27.20 -13.44 29.98
CA LEU C 79 -27.31 -14.15 28.71
C LEU C 79 -28.11 -13.36 27.65
N ARG C 80 -28.68 -12.20 27.97
CA ARG C 80 -29.72 -11.56 27.15
C ARG C 80 -29.32 -11.37 25.70
N GLY C 81 -28.13 -10.83 25.44
CA GLY C 81 -27.66 -10.58 24.08
C GLY C 81 -27.37 -11.85 23.29
N LEU C 82 -26.91 -12.91 23.94
CA LEU C 82 -26.70 -14.23 23.33
C LEU C 82 -28.03 -14.84 22.89
N LEU C 83 -29.01 -14.89 23.77
CA LEU C 83 -30.35 -15.41 23.48
C LEU C 83 -31.04 -14.58 22.40
N GLU C 84 -30.94 -13.26 22.47
CA GLU C 84 -31.54 -12.35 21.50
C GLU C 84 -30.88 -12.47 20.11
N THR C 85 -29.58 -12.75 20.07
CA THR C 85 -28.87 -13.05 18.81
C THR C 85 -29.30 -14.38 18.22
N ILE C 86 -29.40 -15.44 19.03
CA ILE C 86 -29.89 -16.76 18.59
C ILE C 86 -31.29 -16.62 17.99
N GLU C 87 -32.23 -15.97 18.68
CA GLU C 87 -33.57 -15.73 18.16
C GLU C 87 -33.54 -15.10 16.75
N SER C 88 -32.70 -14.10 16.51
CA SER C 88 -32.65 -13.44 15.20
C SER C 88 -32.18 -14.38 14.09
N SER C 89 -31.33 -15.37 14.40
CA SER C 89 -30.90 -16.37 13.43
C SER C 89 -31.98 -17.44 13.20
N GLU C 90 -32.81 -17.72 14.20
CA GLU C 90 -33.91 -18.66 14.09
C GLU C 90 -35.11 -18.07 13.33
N ARG C 91 -35.44 -16.78 13.53
CA ARG C 91 -36.62 -16.15 12.92
C ARG C 91 -36.64 -16.24 11.39
N HIS C 92 -35.50 -16.08 10.73
CA HIS C 92 -35.42 -16.15 9.26
C HIS C 92 -35.29 -17.58 8.71
N LYS C 93 -35.37 -18.63 9.55
CA LYS C 93 -35.38 -20.04 9.13
C LYS C 93 -36.41 -20.94 9.83
N GLY C 94 -37.25 -20.37 10.70
CA GLY C 94 -38.51 -21.00 11.16
C GLY C 94 -38.38 -22.18 12.13
N LYS C 95 -37.19 -22.48 12.65
CA LYS C 95 -36.93 -23.63 13.51
C LYS C 95 -35.87 -23.33 14.58
N LYS C 96 -35.82 -24.12 15.66
CA LYS C 96 -34.75 -24.04 16.67
C LYS C 96 -33.38 -24.26 16.05
N ILE C 97 -32.32 -23.65 16.57
CA ILE C 97 -30.98 -24.21 16.38
C ILE C 97 -30.92 -25.54 17.13
N ASN C 98 -30.56 -26.62 16.45
CA ASN C 98 -30.22 -27.87 17.11
C ASN C 98 -28.85 -27.73 17.79
N ALA C 99 -28.90 -27.50 19.10
CA ALA C 99 -27.80 -27.48 20.05
C ALA C 99 -28.31 -27.95 21.42
N ASP C 100 -27.45 -28.54 22.24
CA ASP C 100 -27.79 -29.08 23.55
C ASP C 100 -27.53 -28.09 24.69
N ILE C 101 -26.46 -27.29 24.62
CA ILE C 101 -26.06 -26.35 25.68
C ILE C 101 -25.78 -24.97 25.09
N ILE C 102 -26.30 -23.92 25.73
CA ILE C 102 -26.08 -22.52 25.36
C ILE C 102 -25.40 -21.80 26.52
N THR C 103 -24.24 -21.19 26.29
CA THR C 103 -23.39 -20.62 27.36
C THR C 103 -22.35 -19.62 26.81
N PHE C 104 -21.50 -19.06 27.66
CA PHE C 104 -20.32 -18.28 27.27
C PHE C 104 -19.06 -19.13 27.22
N ARG C 105 -18.12 -18.79 26.34
CA ARG C 105 -16.78 -19.37 26.27
C ARG C 105 -16.04 -19.27 27.60
N GLY C 106 -16.22 -18.18 28.33
CA GLY C 106 -15.63 -18.00 29.66
C GLY C 106 -16.09 -19.06 30.65
N ILE C 107 -17.34 -19.48 30.60
CA ILE C 107 -17.87 -20.55 31.46
C ILE C 107 -17.31 -21.89 31.01
N ALA C 108 -17.25 -22.17 29.71
CA ALA C 108 -16.62 -23.40 29.21
C ALA C 108 -15.14 -23.50 29.65
N ARG C 109 -14.36 -22.42 29.53
CA ARG C 109 -12.98 -22.39 30.00
C ARG C 109 -12.87 -22.54 31.51
N LYS C 110 -13.73 -21.90 32.30
CA LYS C 110 -13.72 -22.04 33.75
C LYS C 110 -14.04 -23.45 34.18
N LEU C 111 -14.96 -24.13 33.51
CA LEU C 111 -15.17 -25.56 33.72
C LEU C 111 -13.89 -26.32 33.37
N ILE C 112 -13.45 -26.32 32.11
CA ILE C 112 -12.38 -27.21 31.64
C ILE C 112 -11.10 -27.10 32.48
N SER C 113 -10.75 -25.90 32.92
CA SER C 113 -9.55 -25.70 33.72
C SER C 113 -9.64 -26.19 35.16
N CYS C 114 -10.81 -26.62 35.68
CA CYS C 114 -10.91 -27.34 36.95
C CYS C 114 -10.04 -28.62 36.96
N ALA C 115 -9.86 -29.27 35.81
CA ALA C 115 -9.02 -30.46 35.69
C ALA C 115 -7.54 -30.22 36.04
N PHE C 116 -7.10 -28.96 36.16
CA PHE C 116 -5.69 -28.59 36.31
C PHE C 116 -5.43 -27.60 37.46
N ASP C 117 -6.28 -26.59 37.61
CA ASP C 117 -6.10 -25.48 38.57
C ASP C 117 -7.00 -25.67 39.82
N SER C 118 -6.43 -25.53 41.03
CA SER C 118 -7.17 -25.64 42.30
C SER C 118 -8.10 -24.46 42.55
N PRO C 119 -9.16 -24.57 43.40
CA PRO C 119 -10.25 -23.60 43.46
C PRO C 119 -9.85 -22.13 43.63
N SER C 120 -8.83 -21.87 44.44
CA SER C 120 -8.29 -20.53 44.63
C SER C 120 -7.53 -20.00 43.40
N PHE C 121 -6.58 -20.77 42.83
CA PHE C 121 -5.82 -20.38 41.64
C PHE C 121 -6.71 -20.23 40.41
N ASN C 122 -7.70 -21.11 40.28
CA ASN C 122 -8.70 -21.07 39.23
C ASN C 122 -9.59 -19.83 39.36
N THR C 123 -9.76 -19.31 40.57
CA THR C 123 -10.86 -18.40 40.94
C THR C 123 -12.21 -19.02 40.58
N VAL C 124 -12.51 -20.16 41.20
CA VAL C 124 -13.79 -20.87 41.09
C VAL C 124 -14.98 -19.97 41.40
N ASP C 125 -16.04 -20.11 40.60
CA ASP C 125 -17.32 -19.42 40.77
C ASP C 125 -18.51 -20.39 40.81
N LEU C 126 -19.60 -19.96 41.43
CA LEU C 126 -20.91 -20.56 41.24
C LEU C 126 -21.29 -20.46 39.76
N ARG C 127 -21.83 -21.55 39.23
CA ARG C 127 -22.49 -21.60 37.92
C ARG C 127 -23.92 -22.08 38.14
N ILE C 128 -24.86 -21.53 37.40
CA ILE C 128 -26.29 -21.78 37.62
C ILE C 128 -26.96 -22.12 36.27
N VAL C 129 -27.80 -23.15 36.28
CA VAL C 129 -28.27 -23.87 35.07
C VAL C 129 -29.78 -23.96 35.07
N SER C 130 -30.43 -23.88 33.90
CA SER C 130 -31.83 -24.29 33.76
C SER C 130 -32.07 -24.98 32.42
N PHE C 131 -33.20 -25.68 32.28
CA PHE C 131 -33.64 -26.23 31.00
C PHE C 131 -34.91 -25.55 30.47
N ASN C 132 -35.07 -25.51 29.14
CA ASN C 132 -36.33 -25.15 28.47
C ASN C 132 -36.70 -26.19 27.40
N GLY C 133 -35.74 -26.55 26.53
CA GLY C 133 -35.67 -27.86 25.82
C GLY C 133 -34.21 -28.30 25.56
N GLN C 134 -33.29 -27.58 26.19
CA GLN C 134 -31.84 -27.44 26.01
C GLN C 134 -31.31 -26.91 27.35
N LEU C 135 -30.03 -27.04 27.66
CA LEU C 135 -29.43 -26.44 28.86
C LEU C 135 -28.95 -25.01 28.61
N PHE C 136 -29.29 -24.09 29.51
CA PHE C 136 -28.77 -22.73 29.55
C PHE C 136 -27.92 -22.56 30.80
N ILE C 137 -26.66 -22.17 30.66
CA ILE C 137 -25.70 -22.05 31.76
C ILE C 137 -25.24 -20.60 31.93
N LYS C 138 -25.28 -20.08 33.15
CA LYS C 138 -24.90 -18.70 33.50
C LYS C 138 -23.96 -18.65 34.69
N GLU C 139 -22.99 -17.77 34.65
CA GLU C 139 -22.09 -17.50 35.76
C GLU C 139 -22.75 -16.64 36.83
N VAL C 140 -22.51 -16.90 38.12
CA VAL C 140 -22.87 -15.95 39.17
C VAL C 140 -21.74 -14.92 39.34
N PRO C 141 -22.04 -13.61 39.30
CA PRO C 141 -21.04 -12.55 39.45
C PRO C 141 -20.18 -12.67 40.72
N GLU C 142 -19.04 -12.00 40.73
CA GLU C 142 -17.97 -12.12 41.73
C GLU C 142 -18.36 -11.72 43.17
N ALA C 143 -19.54 -11.10 43.36
CA ALA C 143 -20.05 -10.50 44.60
C ALA C 143 -19.23 -9.34 45.19
N VAL C 144 -18.19 -8.87 44.50
CA VAL C 144 -17.40 -7.68 44.89
C VAL C 144 -18.26 -6.42 44.70
N ASN C 145 -18.52 -5.70 45.80
CA ASN C 145 -19.42 -4.55 45.84
C ASN C 145 -18.93 -3.49 46.83
N GLY C 156 0.46 -7.16 42.60
CA GLY C 156 0.02 -8.42 43.21
C GLY C 156 -0.87 -8.24 44.44
N ARG C 157 -0.95 -7.01 44.97
CA ARG C 157 -1.84 -6.62 46.07
C ARG C 157 -2.45 -5.24 45.80
N ASN C 158 -3.75 -5.09 46.05
CA ASN C 158 -4.51 -3.84 45.93
C ASN C 158 -4.25 -3.09 44.60
N ILE C 159 -3.79 -1.84 44.67
CA ILE C 159 -3.57 -0.97 43.49
C ILE C 159 -2.57 -1.60 42.50
N ASN C 160 -1.59 -2.36 42.98
CA ASN C 160 -0.63 -3.04 42.11
C ASN C 160 -1.23 -4.24 41.35
N GLN C 161 -2.33 -4.81 41.82
CA GLN C 161 -3.13 -5.76 41.04
C GLN C 161 -4.02 -5.04 40.02
N ASP C 162 -4.71 -3.96 40.41
CA ASP C 162 -5.55 -3.18 39.48
C ASP C 162 -4.74 -2.59 38.33
N LEU C 163 -3.49 -2.18 38.56
CA LEU C 163 -2.60 -1.70 37.51
C LEU C 163 -2.16 -2.80 36.53
N ASN C 164 -1.99 -4.03 37.00
CA ASN C 164 -1.73 -5.18 36.11
C ASN C 164 -2.98 -5.60 35.33
N VAL C 165 -4.18 -5.41 35.86
CA VAL C 165 -5.42 -5.56 35.09
C VAL C 165 -5.52 -4.47 34.01
N PHE C 166 -5.34 -3.19 34.37
CA PHE C 166 -5.42 -2.08 33.44
C PHE C 166 -4.46 -2.20 32.25
N THR C 167 -3.25 -2.68 32.52
CA THR C 167 -2.20 -2.91 31.52
C THR C 167 -2.70 -3.70 30.31
N GLY C 168 -3.57 -4.70 30.51
CA GLY C 168 -4.13 -5.48 29.41
C GLY C 168 -5.05 -4.66 28.51
N TYR C 169 -5.97 -3.89 29.10
CA TYR C 169 -6.87 -3.02 28.35
C TYR C 169 -6.12 -1.89 27.63
N LYS C 170 -5.04 -1.36 28.21
CA LYS C 170 -4.24 -0.37 27.50
C LYS C 170 -3.49 -0.98 26.31
N PHE C 171 -2.88 -2.15 26.43
CA PHE C 171 -2.24 -2.78 25.26
C PHE C 171 -3.24 -3.06 24.15
N GLU C 172 -4.44 -3.54 24.45
CA GLU C 172 -5.50 -3.70 23.46
C GLU C 172 -5.94 -2.36 22.83
N THR C 173 -5.79 -1.23 23.53
CA THR C 173 -6.08 0.12 23.01
C THR C 173 -4.94 0.69 22.16
N LEU C 174 -3.68 0.45 22.52
CA LEU C 174 -2.51 0.88 21.74
C LEU C 174 -2.32 0.10 20.44
N ALA C 175 -2.66 -1.19 20.40
CA ALA C 175 -2.41 -2.04 19.24
C ALA C 175 -3.52 -2.07 18.19
N THR C 176 -4.62 -1.32 18.36
CA THR C 176 -5.81 -1.43 17.51
C THR C 176 -6.40 -0.09 17.10
N LEU C 177 -7.34 -0.11 16.16
CA LEU C 177 -8.08 1.03 15.63
C LEU C 177 -9.58 0.69 15.65
N SER C 178 -10.48 1.66 15.76
CA SER C 178 -11.93 1.43 15.76
C SER C 178 -12.54 1.24 14.37
N ASN C 179 -11.77 1.47 13.30
CA ASN C 179 -12.15 1.38 11.89
C ASN C 179 -10.96 0.83 11.09
N PRO C 180 -11.13 0.28 9.88
CA PRO C 180 -10.00 -0.21 9.09
C PRO C 180 -8.91 0.84 8.92
N LEU C 181 -7.65 0.42 8.83
CA LEU C 181 -6.53 1.33 8.63
C LEU C 181 -6.72 2.21 7.39
N GLN C 182 -7.25 1.63 6.32
CA GLN C 182 -7.52 2.31 5.06
C GLN C 182 -8.55 3.43 5.17
N TYR C 183 -9.44 3.39 6.17
CA TYR C 183 -10.51 4.39 6.39
C TYR C 183 -10.24 5.30 7.60
N THR C 184 -9.04 5.24 8.19
CA THR C 184 -8.67 6.00 9.40
C THR C 184 -7.75 7.17 9.05
N PRO C 185 -8.06 8.43 9.39
CA PRO C 185 -7.20 9.57 9.11
C PRO C 185 -5.97 9.60 10.02
N ARG C 186 -4.86 10.17 9.56
CA ARG C 186 -3.55 10.08 10.24
C ARG C 186 -3.54 10.67 11.65
N GLU C 187 -4.34 11.71 11.90
CA GLU C 187 -4.49 12.27 13.25
C GLU C 187 -5.07 11.28 14.27
N VAL C 188 -5.94 10.35 13.88
CA VAL C 188 -6.50 9.34 14.78
C VAL C 188 -5.44 8.31 15.19
N ILE C 189 -4.47 8.03 14.32
CA ILE C 189 -3.33 7.16 14.63
C ILE C 189 -2.36 7.88 15.57
N GLU C 190 -2.12 9.17 15.40
CA GLU C 190 -1.25 9.96 16.29
C GLU C 190 -1.84 10.18 17.70
N LYS C 191 -3.15 10.41 17.84
CA LYS C 191 -3.81 10.59 19.15
C LYS C 191 -3.83 9.32 20.02
N ARG C 192 -3.48 8.16 19.47
CA ARG C 192 -3.75 6.86 20.06
C ARG C 192 -3.11 6.62 21.44
N THR C 193 -1.95 7.20 21.73
CA THR C 193 -1.32 7.05 23.05
C THR C 193 -2.03 7.83 24.16
N LYS C 194 -2.74 8.91 23.81
CA LYS C 194 -3.49 9.78 24.75
C LYS C 194 -4.91 9.32 25.01
N ARG C 195 -5.46 8.45 24.15
CA ARG C 195 -6.86 7.97 24.15
C ARG C 195 -7.25 7.32 25.47
N ILE C 196 -8.46 7.57 25.94
CA ILE C 196 -9.00 6.95 27.16
C ILE C 196 -9.21 5.45 26.95
N VAL C 197 -8.86 4.67 27.97
CA VAL C 197 -9.04 3.21 27.99
C VAL C 197 -10.33 2.90 28.73
N SER C 198 -11.09 1.91 28.27
CA SER C 198 -12.37 1.53 28.88
C SER C 198 -12.61 0.02 28.85
N HIS C 199 -13.49 -0.45 29.72
CA HIS C 199 -13.88 -1.85 29.80
C HIS C 199 -15.39 -2.00 30.01
N GLY C 200 -15.97 -3.08 29.49
CA GLY C 200 -17.42 -3.27 29.43
C GLY C 200 -18.06 -2.63 28.20
N ASP C 201 -17.41 -2.73 27.05
CA ASP C 201 -17.88 -2.12 25.80
C ASP C 201 -17.52 -3.04 24.62
N GLU C 202 -17.97 -4.29 24.68
CA GLU C 202 -17.43 -5.40 23.90
C GLU C 202 -18.09 -5.61 22.53
N TYR C 203 -17.40 -6.36 21.67
CA TYR C 203 -17.98 -7.06 20.53
C TYR C 203 -17.93 -8.57 20.78
N ILE C 204 -19.08 -9.24 20.68
CA ILE C 204 -19.24 -10.64 21.03
C ILE C 204 -19.74 -11.40 19.80
N SER C 205 -18.95 -12.38 19.38
CA SER C 205 -19.32 -13.34 18.34
C SER C 205 -20.09 -14.50 18.96
N VAL C 206 -21.06 -15.07 18.27
CA VAL C 206 -21.82 -16.24 18.74
C VAL C 206 -21.44 -17.43 17.88
N VAL C 207 -20.86 -18.46 18.48
CA VAL C 207 -20.21 -19.55 17.78
C VAL C 207 -20.89 -20.87 18.08
N ARG C 208 -21.19 -21.65 17.04
CA ARG C 208 -21.69 -23.01 17.12
C ARG C 208 -20.52 -23.98 17.01
N THR C 209 -20.47 -24.96 17.90
CA THR C 209 -19.34 -25.86 18.09
C THR C 209 -19.82 -27.16 18.74
N GLY C 210 -18.93 -28.03 19.17
CA GLY C 210 -19.32 -29.27 19.85
C GLY C 210 -18.13 -30.15 20.17
N VAL C 211 -18.31 -31.06 21.13
CA VAL C 211 -17.32 -32.08 21.49
C VAL C 211 -18.03 -33.41 21.66
N GLY C 212 -17.46 -34.47 21.09
CA GLY C 212 -18.14 -35.76 21.00
C GLY C 212 -19.51 -35.62 20.33
N ASN C 213 -20.54 -36.08 21.02
CA ASN C 213 -21.94 -35.97 20.61
C ASN C 213 -22.68 -34.73 21.17
N CYS C 214 -22.03 -33.88 21.98
CA CYS C 214 -22.63 -32.65 22.49
C CYS C 214 -22.50 -31.51 21.49
N LYS C 215 -23.59 -30.82 21.19
CA LYS C 215 -23.64 -29.66 20.29
C LYS C 215 -23.84 -28.39 21.11
N LEU C 216 -22.98 -27.39 20.94
CA LEU C 216 -22.84 -26.27 21.87
C LEU C 216 -22.95 -24.94 21.14
N ILE C 217 -23.54 -23.94 21.78
CA ILE C 217 -23.44 -22.56 21.33
C ILE C 217 -22.69 -21.77 22.40
N LEU C 218 -21.58 -21.16 22.01
CA LEU C 218 -20.74 -20.34 22.87
C LEU C 218 -20.80 -18.88 22.42
N GLY C 219 -21.17 -17.97 23.32
CA GLY C 219 -20.84 -16.55 23.14
C GLY C 219 -19.36 -16.31 23.43
N ALA C 220 -18.67 -15.55 22.59
CA ALA C 220 -17.25 -15.28 22.73
C ALA C 220 -16.91 -13.83 22.41
N GLU C 221 -16.42 -13.10 23.40
CA GLU C 221 -15.87 -11.76 23.27
C GLU C 221 -14.54 -11.80 22.50
N VAL C 222 -14.42 -11.03 21.40
CA VAL C 222 -13.20 -11.01 20.57
C VAL C 222 -12.59 -9.62 20.49
N ASP C 223 -11.26 -9.53 20.48
CA ASP C 223 -10.56 -8.25 20.59
C ASP C 223 -10.58 -7.43 19.31
N CYS C 224 -10.15 -8.04 18.21
CA CYS C 224 -9.99 -7.36 16.93
C CYS C 224 -9.97 -8.33 15.76
N ILE C 225 -10.10 -7.78 14.56
CA ILE C 225 -9.88 -8.48 13.29
C ILE C 225 -8.50 -8.11 12.75
N PHE C 226 -7.70 -9.09 12.36
CA PHE C 226 -6.29 -8.90 12.10
C PHE C 226 -6.00 -8.40 10.70
N ASP C 227 -6.50 -9.07 9.66
CA ASP C 227 -6.25 -8.72 8.27
C ASP C 227 -7.43 -7.98 7.63
N PHE C 228 -8.58 -8.61 7.42
CA PHE C 228 -9.75 -7.93 6.86
C PHE C 228 -11.08 -8.57 7.25
N LYS C 229 -12.16 -7.82 7.05
CA LYS C 229 -13.57 -8.18 7.29
C LYS C 229 -14.21 -8.62 5.99
N GLU C 230 -15.01 -9.67 6.02
CA GLU C 230 -15.93 -10.05 4.94
C GLU C 230 -17.38 -9.83 5.41
N ASN C 231 -18.17 -9.03 4.70
CA ASN C 231 -19.55 -8.74 5.10
C ASN C 231 -20.46 -9.95 4.86
N GLY C 232 -21.34 -10.26 5.82
CA GLY C 232 -22.34 -11.32 5.67
C GLY C 232 -21.78 -12.75 5.64
N ARG C 233 -20.59 -12.98 6.22
CA ARG C 233 -19.87 -14.25 6.22
C ARG C 233 -19.28 -14.56 7.61
N ASP C 234 -18.86 -15.80 7.84
CA ASP C 234 -18.09 -16.15 9.03
C ASP C 234 -16.75 -15.41 9.00
N ASN C 235 -16.52 -14.51 9.93
CA ASN C 235 -15.24 -13.78 10.03
C ASN C 235 -14.24 -14.50 10.92
N LEU C 236 -14.57 -15.69 11.40
CA LEU C 236 -13.89 -16.39 12.47
C LEU C 236 -12.40 -16.64 12.20
N LYS C 237 -12.02 -16.86 10.93
CA LYS C 237 -10.63 -17.00 10.49
C LYS C 237 -9.82 -15.70 10.45
N HIS C 238 -10.46 -14.55 10.62
CA HIS C 238 -9.83 -13.23 10.59
C HIS C 238 -9.61 -12.60 11.97
N TYR C 239 -10.26 -13.09 13.03
CA TYR C 239 -10.08 -12.57 14.38
C TYR C 239 -8.71 -12.88 14.98
N ALA C 240 -8.33 -12.18 16.06
CA ALA C 240 -7.18 -12.51 16.90
C ALA C 240 -7.50 -12.27 18.40
N GLU C 241 -6.75 -12.92 19.30
CA GLU C 241 -6.72 -12.55 20.71
C GLU C 241 -5.39 -11.85 20.99
N LEU C 242 -5.47 -10.67 21.57
CA LEU C 242 -4.36 -9.90 22.10
C LEU C 242 -4.32 -10.12 23.61
N LYS C 243 -3.16 -10.47 24.17
CA LYS C 243 -3.08 -10.99 25.55
C LYS C 243 -2.09 -10.23 26.42
N CYS C 244 -2.42 -10.22 27.71
CA CYS C 244 -1.75 -9.55 28.82
C CYS C 244 -0.26 -9.90 28.93
N THR C 245 0.51 -9.04 29.56
CA THR C 245 1.92 -8.91 29.21
C THR C 245 2.83 -9.14 30.43
N GLN C 246 4.05 -9.64 30.24
CA GLN C 246 5.02 -9.88 31.33
C GLN C 246 6.48 -9.90 30.80
N GLN C 247 7.50 -9.82 31.64
CA GLN C 247 8.90 -10.00 31.24
C GLN C 247 9.23 -11.48 31.01
N VAL C 248 10.20 -11.79 30.15
CA VAL C 248 10.84 -13.13 30.12
C VAL C 248 12.35 -12.96 30.02
N ALA C 249 13.08 -13.23 31.11
CA ALA C 249 14.51 -12.93 31.20
C ALA C 249 15.37 -14.07 31.78
N ASN C 250 14.76 -15.18 32.17
CA ASN C 250 15.39 -16.28 32.88
C ASN C 250 14.66 -17.59 32.58
N ILE C 251 15.26 -18.75 32.80
CA ILE C 251 14.65 -20.03 32.46
C ILE C 251 13.31 -20.21 33.17
N SER C 252 13.20 -19.91 34.46
CA SER C 252 11.93 -20.05 35.18
C SER C 252 10.84 -19.07 34.72
N ASP C 253 11.18 -17.96 34.08
CA ASP C 253 10.18 -17.11 33.43
C ASP C 253 9.54 -17.79 32.22
N THR C 254 10.27 -18.64 31.50
CA THR C 254 9.70 -19.37 30.37
C THR C 254 8.60 -20.32 30.84
N HIS C 255 8.75 -20.95 32.01
CA HIS C 255 7.72 -21.83 32.57
C HIS C 255 6.51 -21.07 33.11
N LYS C 256 6.71 -19.91 33.74
CA LYS C 256 5.60 -19.02 34.10
C LYS C 256 4.82 -18.57 32.86
N PHE C 257 5.49 -18.31 31.74
CA PHE C 257 4.81 -17.98 30.49
C PHE C 257 4.06 -19.16 29.90
N GLU C 258 4.69 -20.34 29.83
CA GLU C 258 4.07 -21.52 29.23
C GLU C 258 2.71 -21.88 29.84
N ARG C 259 2.54 -21.71 31.15
CA ARG C 259 1.24 -21.90 31.80
C ARG C 259 0.19 -20.87 31.39
N LYS C 260 0.57 -19.63 31.07
CA LYS C 260 -0.35 -18.62 30.51
C LYS C 260 -0.64 -18.87 29.05
N LEU C 261 0.33 -19.34 28.29
CA LEU C 261 0.12 -19.68 26.89
C LEU C 261 -0.82 -20.86 26.75
N PHE C 262 -0.76 -21.88 27.61
CA PHE C 262 -1.75 -22.96 27.62
C PHE C 262 -3.20 -22.46 27.82
N ARG C 263 -3.46 -21.63 28.84
CA ARG C 263 -4.81 -21.07 29.04
C ARG C 263 -5.27 -20.21 27.89
N THR C 264 -4.36 -19.56 27.20
CA THR C 264 -4.66 -18.74 26.02
C THR C 264 -4.97 -19.60 24.78
N TRP C 265 -4.25 -20.70 24.59
CA TRP C 265 -4.60 -21.66 23.54
C TRP C 265 -5.97 -22.25 23.80
N LEU C 266 -6.26 -22.66 25.03
CA LEU C 266 -7.57 -23.23 25.38
C LEU C 266 -8.70 -22.24 25.04
N GLN C 267 -8.53 -20.96 25.38
CA GLN C 267 -9.47 -19.90 25.07
C GLN C 267 -9.72 -19.73 23.58
N CYS C 268 -8.70 -19.70 22.73
CA CYS C 268 -8.90 -19.57 21.30
C CYS C 268 -9.42 -20.84 20.66
N PHE C 269 -8.96 -22.00 21.10
CA PHE C 269 -9.26 -23.26 20.46
C PHE C 269 -10.74 -23.60 20.53
N LEU C 270 -11.40 -23.31 21.65
CA LEU C 270 -12.81 -23.61 21.84
C LEU C 270 -13.74 -22.97 20.79
N VAL C 271 -13.31 -21.86 20.18
CA VAL C 271 -14.13 -21.07 19.24
C VAL C 271 -13.45 -20.77 17.91
N GLY C 272 -12.30 -21.37 17.62
CA GLY C 272 -11.72 -21.34 16.27
C GLY C 272 -10.96 -20.07 15.90
N ILE C 273 -10.54 -19.25 16.86
CA ILE C 273 -9.72 -18.06 16.61
C ILE C 273 -8.29 -18.49 16.28
N PRO C 274 -7.70 -18.11 15.14
CA PRO C 274 -6.46 -18.69 14.67
C PRO C 274 -5.17 -18.00 15.11
N ARG C 275 -5.22 -16.81 15.70
CA ARG C 275 -4.04 -15.99 16.05
C ARG C 275 -4.06 -15.50 17.48
N ILE C 276 -2.93 -15.61 18.16
CA ILE C 276 -2.69 -15.12 19.51
C ILE C 276 -1.51 -14.14 19.48
N ILE C 277 -1.65 -12.93 20.04
CA ILE C 277 -0.61 -11.91 20.04
C ILE C 277 -0.29 -11.50 21.48
N TYR C 278 0.97 -11.62 21.89
CA TYR C 278 1.47 -11.34 23.22
C TYR C 278 2.40 -10.13 23.24
N GLY C 279 2.12 -9.14 24.07
CA GLY C 279 3.07 -8.09 24.42
C GLY C 279 3.89 -8.47 25.64
N PHE C 280 5.11 -7.99 25.78
CA PHE C 280 5.97 -8.29 26.93
C PHE C 280 6.47 -7.00 27.56
N LYS C 281 6.70 -6.95 28.88
CA LYS C 281 7.05 -5.72 29.62
C LYS C 281 8.38 -5.79 30.35
N ASP C 282 9.06 -4.66 30.53
CA ASP C 282 10.03 -4.52 31.64
C ASP C 282 9.30 -4.48 32.99
N ASP C 283 10.04 -4.52 34.10
CA ASP C 283 9.56 -3.91 35.35
C ASP C 283 9.29 -2.41 35.12
N HIS C 284 8.55 -1.74 36.00
CA HIS C 284 7.74 -0.58 35.57
C HIS C 284 6.75 -1.09 34.52
N TYR C 285 6.44 -0.35 33.46
CA TYR C 285 5.38 -0.73 32.52
C TYR C 285 5.70 -0.46 31.05
N VAL C 286 6.99 -0.39 30.69
CA VAL C 286 7.40 -0.20 29.30
C VAL C 286 7.13 -1.45 28.47
N LEU C 287 6.42 -1.32 27.35
CA LEU C 287 6.23 -2.39 26.38
C LEU C 287 7.56 -2.69 25.69
N LYS C 288 8.14 -3.85 26.00
CA LYS C 288 9.47 -4.22 25.56
C LYS C 288 9.51 -4.87 24.19
N THR C 289 8.55 -5.75 23.86
CA THR C 289 8.47 -6.53 22.62
C THR C 289 7.05 -7.01 22.37
N VAL C 290 6.75 -7.52 21.18
CA VAL C 290 5.52 -8.24 20.85
C VAL C 290 5.87 -9.49 20.09
N GLU C 291 5.15 -10.58 20.29
CA GLU C 291 5.32 -11.83 19.55
C GLU C 291 3.96 -12.43 19.23
N GLU C 292 3.88 -13.21 18.17
CA GLU C 292 2.63 -13.73 17.67
C GLU C 292 2.72 -15.23 17.42
N PHE C 293 1.65 -15.95 17.78
CA PHE C 293 1.54 -17.39 17.71
C PHE C 293 0.30 -17.77 16.92
N SER C 294 0.40 -18.73 16.01
CA SER C 294 -0.77 -19.39 15.44
C SER C 294 -1.35 -20.35 16.46
N THR C 295 -2.65 -20.45 16.60
CA THR C 295 -3.25 -21.36 17.58
C THR C 295 -2.87 -22.81 17.33
N GLU C 296 -2.56 -23.21 16.09
CA GLU C 296 -2.05 -24.55 15.78
C GLU C 296 -0.62 -24.84 16.25
N GLU C 297 0.23 -23.84 16.39
CA GLU C 297 1.58 -24.05 16.88
C GLU C 297 1.57 -24.52 18.31
N VAL C 298 0.66 -24.00 19.14
CA VAL C 298 0.88 -24.00 20.58
C VAL C 298 1.04 -25.41 21.17
N PRO C 299 0.20 -26.41 20.87
CA PRO C 299 0.39 -27.74 21.41
C PRO C 299 1.74 -28.37 21.05
N VAL C 300 2.23 -28.14 19.83
CA VAL C 300 3.55 -28.63 19.38
C VAL C 300 4.66 -27.89 20.11
N LEU C 301 4.56 -26.57 20.20
CA LEU C 301 5.54 -25.72 20.87
C LEU C 301 5.67 -26.08 22.35
N LEU C 302 4.54 -26.31 23.02
CA LEU C 302 4.54 -26.79 24.40
C LEU C 302 5.09 -28.22 24.50
N LYS C 303 4.72 -29.17 23.62
CA LYS C 303 5.30 -30.53 23.64
C LYS C 303 6.82 -30.53 23.48
N ASN C 304 7.37 -29.61 22.67
CA ASN C 304 8.81 -29.47 22.52
C ASN C 304 9.49 -28.84 23.76
N ASN C 305 8.95 -27.73 24.28
CA ASN C 305 9.64 -26.95 25.31
C ASN C 305 9.34 -27.39 26.75
N ASN C 306 8.13 -27.91 27.03
CA ASN C 306 7.66 -28.27 28.36
C ASN C 306 6.64 -29.43 28.29
N PRO C 307 7.11 -30.68 28.15
CA PRO C 307 6.26 -31.83 27.86
C PRO C 307 5.05 -32.00 28.78
N GLN C 308 5.23 -31.77 30.08
CA GLN C 308 4.16 -31.94 31.08
C GLN C 308 3.10 -30.84 31.04
N VAL C 309 3.35 -29.68 30.42
CA VAL C 309 2.30 -28.71 30.06
C VAL C 309 1.72 -29.03 28.68
N GLY C 310 2.54 -29.35 27.69
CA GLY C 310 2.05 -29.68 26.34
C GLY C 310 1.15 -30.92 26.30
N SER C 311 1.33 -31.84 27.25
CA SER C 311 0.44 -32.98 27.48
C SER C 311 -1.00 -32.55 27.80
N ALA C 312 -1.20 -31.45 28.51
CA ALA C 312 -2.53 -31.02 28.97
C ALA C 312 -3.50 -30.66 27.84
N CYS C 313 -3.02 -30.36 26.63
CA CYS C 313 -3.88 -30.03 25.49
C CYS C 313 -4.84 -31.17 25.11
N LEU C 314 -4.42 -32.43 25.18
CA LEU C 314 -5.33 -33.56 24.99
C LEU C 314 -6.17 -33.84 26.23
N GLU C 315 -5.59 -33.72 27.42
CA GLU C 315 -6.30 -33.97 28.67
C GLU C 315 -7.48 -33.01 28.83
N ALA C 316 -7.35 -31.76 28.40
CA ALA C 316 -8.41 -30.77 28.45
C ALA C 316 -9.63 -31.19 27.63
N ILE C 317 -9.43 -31.72 26.42
CA ILE C 317 -10.52 -32.12 25.53
C ILE C 317 -11.12 -33.46 25.97
N LYS C 318 -10.29 -34.39 26.43
CA LYS C 318 -10.78 -35.63 27.03
C LYS C 318 -11.62 -35.36 28.27
N TRP C 319 -11.34 -34.29 29.01
CA TRP C 319 -12.21 -33.90 30.13
C TRP C 319 -13.42 -33.10 29.69
N TYR C 320 -13.29 -32.20 28.73
CA TYR C 320 -14.39 -31.41 28.18
C TYR C 320 -15.53 -32.27 27.62
N GLY C 321 -15.20 -33.35 26.92
CA GLY C 321 -16.19 -34.33 26.47
C GLY C 321 -16.84 -35.06 27.65
N LEU C 322 -16.08 -35.55 28.61
CA LEU C 322 -16.62 -36.23 29.79
C LEU C 322 -17.58 -35.34 30.57
N LEU C 323 -17.16 -34.11 30.85
CA LEU C 323 -17.91 -33.05 31.50
C LEU C 323 -19.25 -32.82 30.82
N THR C 324 -19.26 -32.58 29.52
CA THR C 324 -20.49 -32.22 28.80
C THR C 324 -21.41 -33.42 28.63
N GLU C 325 -20.90 -34.63 28.42
CA GLU C 325 -21.72 -35.85 28.48
C GLU C 325 -22.36 -36.02 29.85
N TRP C 326 -21.61 -35.86 30.95
CA TRP C 326 -22.22 -35.97 32.27
C TRP C 326 -23.11 -34.80 32.66
N LEU C 327 -23.02 -33.61 32.06
CA LEU C 327 -24.09 -32.62 32.25
C LEU C 327 -25.42 -33.12 31.68
N LEU C 328 -25.43 -33.85 30.57
CA LEU C 328 -26.66 -34.46 30.02
C LEU C 328 -27.04 -35.78 30.72
N LYS C 329 -26.07 -36.62 31.10
CA LYS C 329 -26.30 -37.92 31.75
C LYS C 329 -26.52 -37.84 33.26
N MET C 330 -26.23 -36.71 33.92
CA MET C 330 -26.68 -36.44 35.31
C MET C 330 -28.14 -35.96 35.36
N ILE C 331 -28.92 -36.33 34.35
CA ILE C 331 -30.39 -36.34 34.29
C ILE C 331 -31.11 -35.02 34.66
N PRO C 332 -30.66 -33.84 34.19
CA PRO C 332 -31.63 -32.77 34.00
C PRO C 332 -32.63 -33.23 32.94
N ARG C 333 -33.90 -32.90 33.10
CA ARG C 333 -34.91 -33.15 32.06
C ARG C 333 -34.53 -32.42 30.78
N ASP C 334 -34.53 -33.12 29.66
CA ASP C 334 -34.53 -32.53 28.31
C ASP C 334 -35.91 -32.75 27.68
N GLU C 335 -36.98 -32.47 28.42
CA GLU C 335 -38.35 -32.57 27.91
C GLU C 335 -38.61 -31.47 26.86
N ASP C 336 -38.71 -31.87 25.61
CA ASP C 336 -38.69 -30.98 24.46
C ASP C 336 -39.83 -29.95 24.37
N PRO C 337 -41.09 -30.21 24.79
CA PRO C 337 -42.20 -29.26 24.60
C PRO C 337 -42.01 -27.97 25.37
N HIS C 338 -41.85 -26.85 24.67
CA HIS C 338 -41.42 -25.61 25.29
C HIS C 338 -42.46 -24.93 26.21
N SER C 339 -43.60 -25.55 26.46
CA SER C 339 -44.55 -25.14 27.50
C SER C 339 -44.65 -26.13 28.67
N GLN C 340 -43.85 -27.20 28.72
CA GLN C 340 -43.75 -28.05 29.93
C GLN C 340 -42.86 -27.43 31.02
N ILE C 341 -43.10 -27.81 32.27
CA ILE C 341 -42.53 -27.16 33.46
C ILE C 341 -41.01 -27.31 33.53
N ARG C 342 -40.34 -26.22 33.89
CA ARG C 342 -38.87 -26.09 33.91
C ARG C 342 -38.25 -26.56 35.23
N ALA C 343 -36.96 -26.86 35.19
CA ALA C 343 -36.15 -27.22 36.33
C ALA C 343 -34.80 -26.50 36.27
N PHE C 344 -34.14 -26.41 37.41
CA PHE C 344 -33.20 -25.33 37.72
C PHE C 344 -32.18 -25.81 38.77
N LYS C 345 -30.88 -25.58 38.55
CA LYS C 345 -29.81 -26.25 39.31
C LYS C 345 -28.59 -25.37 39.58
N LEU C 346 -27.87 -25.65 40.67
CA LEU C 346 -26.53 -25.13 40.94
C LEU C 346 -25.45 -26.05 40.36
N VAL C 347 -24.27 -25.49 40.10
CA VAL C 347 -23.01 -26.20 39.87
C VAL C 347 -21.88 -25.51 40.64
N PHE C 348 -21.03 -26.29 41.31
CA PHE C 348 -19.86 -25.83 42.07
C PHE C 348 -18.63 -26.66 41.71
N GLU C 349 -17.42 -26.15 41.97
CA GLU C 349 -16.25 -27.00 42.18
C GLU C 349 -15.77 -26.91 43.64
N ASN C 350 -15.56 -28.05 44.29
CA ASN C 350 -15.18 -28.11 45.69
C ASN C 350 -14.42 -29.41 46.00
N ASN C 351 -13.16 -29.30 46.44
CA ASN C 351 -12.34 -30.41 46.91
C ASN C 351 -12.22 -31.58 45.92
N HIS C 352 -11.71 -31.32 44.71
CA HIS C 352 -11.57 -32.28 43.60
C HIS C 352 -12.87 -32.90 43.07
N LEU C 353 -14.03 -32.45 43.54
CA LEU C 353 -15.34 -32.84 43.03
C LEU C 353 -16.02 -31.63 42.41
N ARG C 354 -16.83 -31.86 41.38
CA ARG C 354 -17.84 -30.89 40.97
C ARG C 354 -19.21 -31.33 41.41
N LEU C 355 -19.93 -30.45 42.08
CA LEU C 355 -21.17 -30.75 42.77
C LEU C 355 -22.32 -30.11 42.03
N SER C 356 -23.44 -30.81 41.85
CA SER C 356 -24.66 -30.24 41.27
C SER C 356 -25.91 -30.66 42.04
N GLU C 357 -26.84 -29.72 42.25
CA GLU C 357 -28.03 -29.88 43.08
C GLU C 357 -29.20 -29.07 42.49
N ILE C 358 -30.43 -29.57 42.51
CA ILE C 358 -31.60 -28.75 42.13
C ILE C 358 -31.87 -27.63 43.14
N GLU C 359 -32.41 -26.52 42.67
CA GLU C 359 -32.90 -25.42 43.50
C GLU C 359 -34.40 -25.58 43.74
N GLU C 360 -34.74 -26.27 44.84
CA GLU C 360 -36.13 -26.55 45.25
C GLU C 360 -36.93 -25.26 45.50
N SER C 361 -38.25 -25.31 45.33
CA SER C 361 -39.14 -24.12 45.31
C SER C 361 -39.16 -23.28 46.60
N ASP C 362 -38.61 -23.78 47.71
CA ASP C 362 -38.40 -23.01 48.93
C ASP C 362 -37.27 -21.95 48.83
N GLU C 363 -36.33 -22.10 47.89
CA GLU C 363 -35.16 -21.20 47.77
C GLU C 363 -35.50 -19.82 47.19
N GLU C 364 -34.78 -18.79 47.63
CA GLU C 364 -34.91 -17.42 47.12
C GLU C 364 -34.63 -17.30 45.61
N TYR C 365 -33.70 -18.09 45.08
CA TYR C 365 -33.44 -18.14 43.65
C TYR C 365 -34.61 -18.79 42.86
N SER C 366 -35.25 -19.82 43.42
CA SER C 366 -36.06 -20.75 42.61
C SER C 366 -37.23 -20.05 41.93
N GLY C 367 -37.98 -19.22 42.67
CA GLY C 367 -39.10 -18.44 42.11
C GLY C 367 -38.65 -17.44 41.04
N LEU C 368 -37.44 -16.91 41.13
CA LEU C 368 -36.94 -15.86 40.23
C LEU C 368 -36.26 -16.42 38.96
N ILE C 369 -35.51 -17.52 39.02
CA ILE C 369 -34.99 -18.11 37.76
C ILE C 369 -36.11 -18.85 37.02
N ASP C 370 -37.05 -19.48 37.73
CA ASP C 370 -38.21 -20.10 37.09
C ASP C 370 -39.19 -19.08 36.51
N GLY C 371 -39.64 -18.06 37.27
CA GLY C 371 -40.75 -17.21 36.82
C GLY C 371 -40.34 -15.89 36.17
N GLU C 372 -39.09 -15.48 36.29
CA GLU C 372 -38.65 -14.10 36.06
C GLU C 372 -37.32 -13.98 35.27
N HIS C 373 -36.87 -12.77 35.08
CA HIS C 373 -35.81 -12.34 34.17
C HIS C 373 -34.40 -12.88 34.44
N ILE C 374 -34.16 -13.56 35.55
CA ILE C 374 -32.80 -13.74 36.09
C ILE C 374 -31.92 -14.67 35.24
N LEU C 375 -32.48 -15.52 34.37
CA LEU C 375 -31.69 -16.41 33.50
C LEU C 375 -32.08 -16.37 32.03
N SER C 376 -33.37 -16.39 31.70
CA SER C 376 -33.84 -16.32 30.31
C SER C 376 -34.85 -15.19 30.11
N ASN C 377 -34.62 -14.39 29.06
CA ASN C 377 -35.41 -13.21 28.72
C ASN C 377 -36.86 -13.58 28.39
N GLY C 378 -37.84 -12.80 28.88
CA GLY C 378 -39.26 -13.01 28.61
C GLY C 378 -39.60 -13.06 27.12
N PHE C 379 -38.95 -12.23 26.28
CA PHE C 379 -39.20 -12.25 24.84
C PHE C 379 -38.63 -13.49 24.12
N LYS C 380 -37.57 -14.08 24.66
CA LYS C 380 -37.01 -15.36 24.21
C LYS C 380 -37.89 -16.52 24.61
N GLU C 381 -38.44 -16.53 25.82
CA GLU C 381 -39.42 -17.54 26.22
C GLU C 381 -40.67 -17.45 25.34
N TRP C 382 -41.15 -16.26 24.99
CA TRP C 382 -42.22 -16.12 24.01
C TRP C 382 -41.82 -16.58 22.62
N ARG C 383 -40.61 -16.27 22.12
CA ARG C 383 -40.16 -16.77 20.81
C ARG C 383 -40.27 -18.28 20.73
N LYS C 384 -39.70 -19.00 21.69
CA LYS C 384 -39.66 -20.46 21.63
C LYS C 384 -40.98 -21.12 22.00
N SER C 385 -41.77 -20.58 22.93
CA SER C 385 -43.11 -21.13 23.19
C SER C 385 -44.13 -20.84 22.07
N LEU C 386 -43.85 -19.90 21.17
CA LEU C 386 -44.56 -19.73 19.89
C LEU C 386 -44.06 -20.65 18.76
N LYS C 387 -43.12 -21.56 19.05
CA LYS C 387 -42.65 -22.66 18.19
C LYS C 387 -42.01 -22.20 16.88
#